data_3AQS
#
_entry.id   3AQS
#
_cell.length_a   152.950
_cell.length_b   152.950
_cell.length_c   117.480
_cell.angle_alpha   90.00
_cell.angle_beta   90.00
_cell.angle_gamma   90.00
#
_symmetry.space_group_name_H-M   'P 41 2 2'
#
_entity_poly.entity_id   1
_entity_poly.type   'polypeptide(L)'
_entity_poly.pdbx_seq_one_letter_code
;HHHHHHSSGLVPRGSHMPTPSQHKDASTAQTDNQVPTGRRAQKREQTRARLITSARTLMAERGVDNVGIAEITEGANIGT
GTFYNYFPDREQLLQAVAEDAFESVGIALDQVLTKLDDPAEVFAGSLRHLVRHSLEDRIWGGFFIQMGAAHPVLMRILGP
RARRDLLHGLETGRFTIEDLDLATTCTFGSLIAAIQMALSADQDSNDDKDQIFAAAMLRMVGVQAAEAREIASRPLPEIS
PVKPQ
;
_entity_poly.pdbx_strand_id   A,B,C,D
#
# COMPACT_ATOMS: atom_id res chain seq x y z
N ARG A 48 27.23 33.98 24.47
CA ARG A 48 25.98 33.17 24.25
C ARG A 48 25.07 33.93 23.28
N ALA A 49 25.20 35.24 23.33
CA ALA A 49 24.41 36.09 22.45
C ALA A 49 24.66 35.64 21.01
N ARG A 50 25.87 35.94 20.53
CA ARG A 50 26.33 35.64 19.18
C ARG A 50 26.53 34.14 18.96
N LEU A 51 27.06 33.48 19.98
CA LEU A 51 27.35 32.06 19.94
C LEU A 51 26.23 31.21 19.28
N ILE A 52 24.98 31.65 19.44
CA ILE A 52 23.88 30.91 18.83
C ILE A 52 23.97 31.29 17.37
N THR A 53 23.57 32.52 17.10
CA THR A 53 23.56 33.08 15.76
C THR A 53 24.84 32.91 14.97
N SER A 54 25.87 32.35 15.60
CA SER A 54 27.16 32.09 14.95
C SER A 54 27.08 30.74 14.25
N ALA A 55 26.71 29.73 15.05
CA ALA A 55 26.55 28.37 14.58
C ALA A 55 25.34 28.28 13.67
N ARG A 56 24.35 29.14 13.91
CA ARG A 56 23.15 29.15 13.07
C ARG A 56 23.62 29.47 11.67
N THR A 57 24.46 30.51 11.60
CA THR A 57 24.98 30.96 10.33
C THR A 57 25.85 29.88 9.67
N LEU A 58 26.60 29.13 10.47
CA LEU A 58 27.46 28.07 9.95
C LEU A 58 26.70 26.79 9.62
N MET A 59 25.38 26.89 9.49
CA MET A 59 24.60 25.73 9.16
C MET A 59 23.81 26.05 7.91
N ALA A 60 23.41 27.31 7.78
CA ALA A 60 22.65 27.76 6.62
C ALA A 60 23.23 27.25 5.31
N GLU A 61 24.53 26.93 5.32
CA GLU A 61 25.22 26.44 4.12
C GLU A 61 26.47 25.63 4.46
N ARG A 62 26.37 24.80 5.50
CA ARG A 62 27.50 23.99 5.91
C ARG A 62 27.12 22.69 6.59
N GLY A 63 25.82 22.47 6.77
CA GLY A 63 25.38 21.26 7.43
C GLY A 63 25.41 21.40 8.94
N VAL A 64 24.24 21.22 9.56
CA VAL A 64 24.09 21.33 11.01
C VAL A 64 25.04 20.40 11.76
N ASP A 65 25.85 19.65 11.04
CA ASP A 65 26.75 18.71 11.68
C ASP A 65 28.21 18.96 11.41
N ASN A 66 28.51 19.95 10.59
CA ASN A 66 29.88 20.27 10.24
C ASN A 66 30.36 21.56 10.86
N VAL A 67 29.86 21.83 12.08
CA VAL A 67 30.23 23.02 12.83
C VAL A 67 30.99 22.61 14.10
N GLY A 68 32.21 23.14 14.24
CA GLY A 68 33.05 22.85 15.40
C GLY A 68 33.24 24.11 16.22
N ILE A 69 33.48 23.98 17.52
CA ILE A 69 33.65 25.14 18.37
C ILE A 69 34.62 26.15 17.72
N ALA A 70 35.78 25.67 17.29
CA ALA A 70 36.79 26.52 16.65
C ALA A 70 36.20 27.68 15.86
N GLU A 71 35.34 27.37 14.89
CA GLU A 71 34.70 28.39 14.05
C GLU A 71 33.71 29.23 14.85
N ILE A 72 32.84 28.55 15.58
CA ILE A 72 31.83 29.23 16.36
C ILE A 72 32.41 30.31 17.28
N THR A 73 33.22 29.91 18.26
CA THR A 73 33.83 30.84 19.21
C THR A 73 34.43 32.04 18.52
N GLU A 74 35.05 31.79 17.37
CA GLU A 74 35.67 32.84 16.56
C GLU A 74 34.61 33.81 16.06
N GLY A 75 33.48 33.27 15.61
CA GLY A 75 32.40 34.11 15.13
C GLY A 75 31.81 34.90 16.28
N ALA A 76 31.81 34.28 17.45
CA ALA A 76 31.28 34.91 18.66
C ALA A 76 32.24 35.97 19.14
N ASN A 77 33.52 35.71 18.88
CA ASN A 77 34.66 36.55 19.24
C ASN A 77 35.09 36.30 20.68
N ILE A 78 35.37 35.02 20.94
CA ILE A 78 35.82 34.51 22.22
C ILE A 78 36.77 33.34 21.89
N GLY A 79 37.68 33.02 22.81
CA GLY A 79 38.64 31.94 22.55
C GLY A 79 38.16 30.55 22.89
N THR A 80 38.46 29.60 22.01
CA THR A 80 38.07 28.19 22.16
C THR A 80 37.79 27.70 23.58
N GLY A 81 38.64 28.11 24.53
CA GLY A 81 38.47 27.69 25.91
C GLY A 81 37.49 28.51 26.72
N THR A 82 36.75 29.41 26.09
CA THR A 82 35.79 30.20 26.84
C THR A 82 34.36 29.74 26.53
N PHE A 83 34.17 29.10 25.38
CA PHE A 83 32.86 28.59 24.94
C PHE A 83 32.31 27.66 26.00
N TYR A 84 33.19 26.97 26.69
CA TYR A 84 32.76 26.04 27.71
C TYR A 84 32.25 26.73 28.96
N ASN A 85 32.05 28.05 28.87
CA ASN A 85 31.51 28.79 30.01
C ASN A 85 30.07 29.20 29.75
N TYR A 86 29.57 28.92 28.55
CA TYR A 86 28.19 29.29 28.20
C TYR A 86 27.39 28.11 27.68
N PHE A 87 28.07 26.99 27.49
CA PHE A 87 27.43 25.78 26.98
C PHE A 87 28.37 24.62 27.31
N PRO A 88 27.94 23.70 28.18
CA PRO A 88 28.73 22.52 28.57
C PRO A 88 29.12 21.59 27.43
N ASP A 89 28.14 21.17 26.63
CA ASP A 89 28.39 20.29 25.51
C ASP A 89 28.32 21.03 24.17
N ARG A 90 28.10 20.30 23.10
CA ARG A 90 27.99 20.89 21.76
C ARG A 90 26.57 20.64 21.30
N GLU A 91 25.97 19.61 21.88
CA GLU A 91 24.58 19.24 21.62
C GLU A 91 23.78 20.29 22.38
N GLN A 92 24.42 20.88 23.38
CA GLN A 92 23.81 21.92 24.21
C GLN A 92 23.60 23.19 23.40
N LEU A 93 24.60 23.55 22.59
CA LEU A 93 24.49 24.74 21.76
C LEU A 93 23.52 24.46 20.65
N LEU A 94 23.81 23.41 19.89
CA LEU A 94 22.94 23.04 18.78
C LEU A 94 21.48 23.06 19.21
N GLN A 95 21.19 22.71 20.46
CA GLN A 95 19.81 22.71 20.93
C GLN A 95 19.28 24.13 21.03
N ALA A 96 20.10 25.02 21.54
CA ALA A 96 19.72 26.42 21.67
C ALA A 96 19.50 26.99 20.28
N VAL A 97 20.30 26.56 19.32
CA VAL A 97 20.13 27.04 17.97
C VAL A 97 18.74 26.61 17.51
N ALA A 98 18.30 25.43 17.95
CA ALA A 98 16.99 24.91 17.58
C ALA A 98 15.86 25.69 18.25
N GLU A 99 15.90 25.79 19.58
CA GLU A 99 14.89 26.53 20.31
C GLU A 99 14.75 27.88 19.66
N ASP A 100 15.85 28.63 19.61
CA ASP A 100 15.83 29.95 19.00
C ASP A 100 15.09 29.92 17.66
N ALA A 101 15.20 28.80 16.93
CA ALA A 101 14.56 28.66 15.62
C ALA A 101 13.06 28.40 15.74
N PHE A 102 12.68 27.44 16.54
CA PHE A 102 11.27 27.19 16.68
C PHE A 102 10.61 28.45 17.20
N GLU A 103 11.24 29.09 18.18
CA GLU A 103 10.68 30.31 18.78
C GLU A 103 10.39 31.43 17.77
N SER A 104 11.26 31.62 16.78
CA SER A 104 11.03 32.68 15.78
C SER A 104 9.75 32.36 15.01
N VAL A 105 9.47 31.08 14.83
CA VAL A 105 8.27 30.66 14.14
C VAL A 105 7.14 30.59 15.15
N GLY A 106 7.47 30.18 16.37
CA GLY A 106 6.46 30.12 17.42
C GLY A 106 5.80 31.48 17.53
N ILE A 107 6.64 32.52 17.50
CA ILE A 107 6.19 33.90 17.57
C ILE A 107 5.43 34.25 16.31
N ALA A 108 6.10 34.07 15.18
CA ALA A 108 5.52 34.37 13.88
C ALA A 108 4.12 33.76 13.73
N LEU A 109 3.96 32.50 14.14
CA LEU A 109 2.65 31.87 14.03
C LEU A 109 1.60 32.66 14.78
N ASP A 110 1.83 32.87 16.08
CA ASP A 110 0.89 33.61 16.92
C ASP A 110 0.38 34.90 16.26
N GLN A 111 1.29 35.71 15.74
CA GLN A 111 0.93 36.98 15.10
C GLN A 111 0.31 36.90 13.71
N VAL A 112 -0.32 35.79 13.35
CA VAL A 112 -0.92 35.67 12.02
C VAL A 112 -2.06 34.67 11.95
N LEU A 113 -1.91 33.56 12.68
CA LEU A 113 -2.88 32.47 12.67
C LEU A 113 -4.03 32.49 13.68
N THR A 114 -3.78 32.89 14.92
CA THR A 114 -4.87 32.93 15.90
C THR A 114 -5.73 34.13 15.58
N LYS A 115 -5.59 34.61 14.34
CA LYS A 115 -6.35 35.74 13.84
C LYS A 115 -7.34 35.21 12.80
N LEU A 116 -7.68 33.94 12.97
CA LEU A 116 -8.63 33.20 12.15
C LEU A 116 -9.62 32.70 13.21
N ASP A 117 -10.90 32.99 13.03
CA ASP A 117 -11.92 32.60 14.02
C ASP A 117 -12.03 31.11 14.34
N ASP A 118 -11.76 30.24 13.37
CA ASP A 118 -11.90 28.80 13.62
C ASP A 118 -10.71 28.12 14.27
N PRO A 119 -10.92 27.50 15.43
CA PRO A 119 -9.85 26.81 16.14
C PRO A 119 -9.17 25.75 15.28
N ALA A 120 -9.98 24.90 14.64
CA ALA A 120 -9.45 23.84 13.80
C ALA A 120 -8.48 24.31 12.71
N GLU A 121 -8.57 25.59 12.33
CA GLU A 121 -7.69 26.13 11.31
C GLU A 121 -6.41 26.67 11.92
N VAL A 122 -6.54 27.31 13.09
CA VAL A 122 -5.38 27.86 13.75
C VAL A 122 -4.43 26.75 14.17
N PHE A 123 -4.96 25.55 14.33
CA PHE A 123 -4.13 24.40 14.71
C PHE A 123 -3.52 23.88 13.44
N ALA A 124 -4.37 23.56 12.47
CA ALA A 124 -3.93 23.06 11.19
C ALA A 124 -2.89 24.02 10.66
N GLY A 125 -3.30 25.27 10.49
CA GLY A 125 -2.41 26.30 9.99
C GLY A 125 -1.02 26.29 10.59
N SER A 126 -0.92 26.31 11.92
CA SER A 126 0.36 26.30 12.62
C SER A 126 1.11 25.04 12.23
N LEU A 127 0.42 23.91 12.32
CA LEU A 127 1.01 22.61 11.97
C LEU A 127 1.52 22.59 10.53
N ARG A 128 0.69 23.02 9.58
CA ARG A 128 1.10 23.05 8.19
C ARG A 128 2.37 23.85 8.05
N HIS A 129 2.43 25.00 8.73
CA HIS A 129 3.60 25.84 8.68
C HIS A 129 4.81 25.08 9.19
N LEU A 130 4.66 24.38 10.32
CA LEU A 130 5.77 23.62 10.87
C LEU A 130 6.28 22.54 9.94
N VAL A 131 5.38 21.91 9.20
CA VAL A 131 5.82 20.88 8.28
C VAL A 131 6.38 21.53 7.03
N ARG A 132 5.62 22.45 6.46
CA ARG A 132 6.05 23.14 5.25
C ARG A 132 7.35 23.88 5.55
N HIS A 133 7.71 23.98 6.81
CA HIS A 133 8.95 24.66 7.19
C HIS A 133 10.12 23.69 7.17
N SER A 134 9.98 22.58 7.89
CA SER A 134 11.02 21.56 7.97
C SER A 134 11.48 21.10 6.60
N LEU A 135 10.65 21.36 5.60
CA LEU A 135 10.97 20.96 4.25
C LEU A 135 11.86 22.00 3.56
N GLU A 136 11.56 23.29 3.72
CA GLU A 136 12.38 24.32 3.11
C GLU A 136 13.71 24.62 3.85
N ASP A 137 13.65 25.22 5.04
CA ASP A 137 14.88 25.52 5.82
C ASP A 137 15.87 24.36 5.87
N ARG A 138 17.09 24.56 5.37
CA ARG A 138 18.09 23.49 5.44
C ARG A 138 18.28 23.16 6.91
N ILE A 139 18.60 24.21 7.67
CA ILE A 139 18.83 24.14 9.10
C ILE A 139 17.73 23.35 9.83
N TRP A 140 16.48 23.52 9.39
CA TRP A 140 15.34 22.83 10.00
C TRP A 140 15.36 21.34 9.71
N GLY A 141 15.68 20.99 8.46
CA GLY A 141 15.74 19.60 8.10
C GLY A 141 16.65 18.90 9.10
N GLY A 142 17.77 19.55 9.40
CA GLY A 142 18.72 18.98 10.34
C GLY A 142 18.16 18.78 11.74
N PHE A 143 17.27 19.66 12.17
CA PHE A 143 16.70 19.59 13.52
C PHE A 143 15.88 18.35 13.83
N PHE A 144 15.38 17.67 12.81
CA PHE A 144 14.56 16.48 13.00
C PHE A 144 15.30 15.18 12.75
N ILE A 145 15.56 14.94 11.47
CA ILE A 145 16.25 13.74 11.03
C ILE A 145 17.71 13.78 11.43
N GLN A 146 18.00 14.44 12.55
CA GLN A 146 19.37 14.53 13.03
C GLN A 146 19.42 14.83 14.51
N MET A 147 18.71 15.86 14.94
CA MET A 147 18.70 16.20 16.35
C MET A 147 17.79 15.20 17.08
N GLY A 148 18.27 14.68 18.19
CA GLY A 148 17.50 13.71 18.96
C GLY A 148 16.62 14.34 20.01
N ALA A 149 17.05 15.48 20.54
CA ALA A 149 16.25 16.16 21.54
C ALA A 149 15.10 16.86 20.81
N ALA A 150 15.02 16.61 19.51
CA ALA A 150 13.99 17.21 18.67
C ALA A 150 12.61 17.21 19.30
N HIS A 151 12.29 16.19 20.10
CA HIS A 151 10.97 16.14 20.72
C HIS A 151 10.89 17.14 21.87
N PRO A 152 11.74 16.97 22.90
CA PRO A 152 11.72 17.88 24.03
C PRO A 152 11.89 19.29 23.56
N VAL A 153 12.89 19.51 22.72
CA VAL A 153 13.13 20.85 22.20
C VAL A 153 11.83 21.50 21.77
N LEU A 154 10.92 20.71 21.20
CA LEU A 154 9.62 21.21 20.73
C LEU A 154 8.60 21.45 21.86
N MET A 155 8.70 20.63 22.90
CA MET A 155 7.83 20.71 24.06
C MET A 155 8.19 21.93 24.89
N ARG A 156 9.32 22.56 24.58
CA ARG A 156 9.74 23.70 25.35
C ARG A 156 9.49 25.01 24.63
N ILE A 157 9.46 24.95 23.31
CA ILE A 157 9.23 26.15 22.51
C ILE A 157 7.79 26.27 22.02
N LEU A 158 7.18 25.15 21.66
CA LEU A 158 5.80 25.19 21.16
C LEU A 158 4.82 24.53 22.12
N GLY A 159 5.34 23.64 22.96
CA GLY A 159 4.50 22.95 23.94
C GLY A 159 3.43 23.83 24.54
N PRO A 160 3.80 25.00 25.07
CA PRO A 160 2.77 25.86 25.65
C PRO A 160 1.76 26.23 24.57
N ARG A 161 2.27 26.75 23.44
CA ARG A 161 1.44 27.18 22.30
C ARG A 161 0.48 26.09 21.83
N ALA A 162 0.98 24.86 21.81
CA ALA A 162 0.20 23.70 21.39
C ALA A 162 -0.99 23.51 22.29
N ARG A 163 -0.73 23.48 23.59
CA ARG A 163 -1.77 23.29 24.57
C ARG A 163 -2.71 24.48 24.51
N ARG A 164 -2.15 25.64 24.17
CA ARG A 164 -2.95 26.85 24.06
C ARG A 164 -4.05 26.59 23.07
N ASP A 165 -3.66 26.25 21.84
CA ASP A 165 -4.61 25.97 20.75
C ASP A 165 -5.46 24.71 20.90
N LEU A 166 -4.87 23.63 21.42
CA LEU A 166 -5.65 22.41 21.60
C LEU A 166 -6.74 22.68 22.63
N LEU A 167 -6.43 23.53 23.62
CA LEU A 167 -7.40 23.87 24.65
C LEU A 167 -8.48 24.80 24.14
N HIS A 168 -8.08 25.81 23.38
CA HIS A 168 -9.01 26.77 22.83
C HIS A 168 -10.03 26.04 21.95
N GLY A 169 -9.54 25.20 21.05
CA GLY A 169 -10.44 24.47 20.17
C GLY A 169 -11.23 23.40 20.90
N LEU A 170 -10.92 23.22 22.17
CA LEU A 170 -11.61 22.23 22.97
C LEU A 170 -12.79 22.90 23.67
N GLU A 171 -12.52 24.03 24.32
CA GLU A 171 -13.55 24.79 25.02
C GLU A 171 -14.56 25.33 24.03
N THR A 172 -14.26 25.14 22.74
CA THR A 172 -15.13 25.59 21.65
C THR A 172 -16.00 24.42 21.24
N GLY A 173 -15.60 23.23 21.66
CA GLY A 173 -16.33 22.04 21.32
C GLY A 173 -15.94 21.60 19.93
N ARG A 174 -14.94 22.27 19.35
CA ARG A 174 -14.46 21.91 18.01
C ARG A 174 -13.64 20.62 18.07
N PHE A 175 -12.88 20.47 19.14
CA PHE A 175 -12.04 19.28 19.37
C PHE A 175 -12.56 18.40 20.49
N THR A 176 -12.16 17.14 20.46
CA THR A 176 -12.54 16.17 21.47
C THR A 176 -11.28 15.65 22.11
N ILE A 177 -10.85 16.26 23.21
CA ILE A 177 -9.63 15.79 23.84
C ILE A 177 -9.85 15.27 25.26
N GLU A 178 -9.36 14.06 25.49
CA GLU A 178 -9.47 13.40 26.81
C GLU A 178 -8.14 13.43 27.54
N ASP A 179 -7.38 14.51 27.36
CA ASP A 179 -6.06 14.67 27.99
C ASP A 179 -5.30 15.72 27.19
N LEU A 180 -5.51 17.00 27.50
CA LEU A 180 -4.84 18.02 26.72
C LEU A 180 -3.33 17.93 26.63
N ASP A 181 -2.75 16.95 27.32
CA ASP A 181 -1.29 16.77 27.30
C ASP A 181 -0.83 15.66 26.37
N LEU A 182 -1.55 14.55 26.42
CA LEU A 182 -1.24 13.41 25.57
C LEU A 182 -1.56 13.83 24.15
N ALA A 183 -2.63 14.59 24.00
CA ALA A 183 -3.01 15.08 22.70
C ALA A 183 -1.89 15.98 22.28
N THR A 184 -1.51 16.87 23.18
CA THR A 184 -0.45 17.82 22.88
C THR A 184 0.92 17.17 22.62
N THR A 185 1.19 16.02 23.22
CA THR A 185 2.49 15.38 22.96
C THR A 185 2.51 14.58 21.67
N CYS A 186 1.40 13.90 21.39
CA CYS A 186 1.27 13.11 20.17
C CYS A 186 1.22 14.03 18.97
N THR A 187 0.83 15.28 19.20
CA THR A 187 0.79 16.24 18.11
C THR A 187 2.22 16.58 17.79
N PHE A 188 3.14 16.25 18.69
CA PHE A 188 4.54 16.53 18.45
C PHE A 188 5.31 15.30 18.05
N GLY A 189 4.95 14.17 18.64
CA GLY A 189 5.63 12.95 18.26
C GLY A 189 5.33 12.79 16.79
N SER A 190 4.06 12.97 16.45
CA SER A 190 3.62 12.84 15.07
C SER A 190 4.37 13.80 14.17
N LEU A 191 4.36 15.08 14.51
CA LEU A 191 5.03 16.07 13.70
C LEU A 191 6.43 15.67 13.28
N ILE A 192 7.13 14.93 14.13
CA ILE A 192 8.47 14.52 13.81
C ILE A 192 8.42 13.40 12.78
N ALA A 193 7.90 12.25 13.21
CA ALA A 193 7.78 11.05 12.39
C ALA A 193 7.17 11.33 11.02
N ALA A 194 6.30 12.31 10.96
CA ALA A 194 5.67 12.66 9.71
C ALA A 194 6.68 13.35 8.84
N ILE A 195 7.56 14.12 9.46
CA ILE A 195 8.59 14.85 8.74
C ILE A 195 9.75 13.96 8.32
N GLN A 196 10.25 13.15 9.25
CA GLN A 196 11.34 12.27 8.88
C GLN A 196 10.94 11.46 7.67
N MET A 197 9.69 11.02 7.66
CA MET A 197 9.18 10.23 6.56
C MET A 197 9.16 11.07 5.31
N ALA A 198 8.61 12.27 5.44
CA ALA A 198 8.52 13.17 4.31
C ALA A 198 9.90 13.63 3.82
N LEU A 199 10.94 13.42 4.63
CA LEU A 199 12.30 13.78 4.25
C LEU A 199 13.05 12.52 3.84
N SER A 200 12.34 11.60 3.17
CA SER A 200 12.88 10.32 2.69
C SER A 200 12.10 9.76 1.48
N LYS A 209 1.93 17.24 1.44
CA LYS A 209 1.94 16.52 2.71
C LYS A 209 1.61 17.43 3.88
N ASP A 210 1.96 18.70 3.77
CA ASP A 210 1.68 19.64 4.84
C ASP A 210 0.17 19.69 5.10
N GLN A 211 -0.58 18.95 4.30
CA GLN A 211 -2.02 18.89 4.44
C GLN A 211 -2.45 17.52 4.93
N ILE A 212 -2.03 16.49 4.19
CA ILE A 212 -2.36 15.12 4.56
C ILE A 212 -2.07 14.94 6.04
N PHE A 213 -1.07 15.69 6.53
CA PHE A 213 -0.66 15.64 7.94
C PHE A 213 -1.60 16.42 8.85
N ALA A 214 -1.76 17.70 8.57
CA ALA A 214 -2.66 18.51 9.38
C ALA A 214 -3.98 17.74 9.42
N ALA A 215 -4.52 17.45 8.25
CA ALA A 215 -5.77 16.73 8.16
C ALA A 215 -5.82 15.51 9.08
N ALA A 216 -4.67 14.91 9.35
CA ALA A 216 -4.65 13.71 10.18
C ALA A 216 -4.52 14.01 11.65
N MET A 217 -4.30 15.28 11.98
CA MET A 217 -4.16 15.67 13.37
C MET A 217 -5.53 16.15 13.84
N LEU A 218 -6.16 17.03 13.06
CA LEU A 218 -7.48 17.53 13.43
C LEU A 218 -8.36 16.34 13.70
N ARG A 219 -8.10 15.27 12.96
CA ARG A 219 -8.87 14.05 13.12
C ARG A 219 -8.68 13.51 14.54
N MET A 220 -7.42 13.29 14.92
CA MET A 220 -7.09 12.80 16.26
C MET A 220 -7.69 13.71 17.33
N VAL A 221 -7.84 14.99 17.03
CA VAL A 221 -8.40 15.91 18.00
C VAL A 221 -9.92 15.82 17.91
N GLY A 222 -10.39 14.77 17.26
CA GLY A 222 -11.82 14.53 17.14
C GLY A 222 -12.59 15.00 15.92
N VAL A 223 -12.10 16.01 15.21
CA VAL A 223 -12.83 16.50 14.04
C VAL A 223 -13.33 15.41 13.08
N GLN A 224 -14.47 15.68 12.44
CA GLN A 224 -15.06 14.76 11.48
C GLN A 224 -14.03 14.40 10.40
N ALA A 225 -13.76 13.10 10.26
CA ALA A 225 -12.80 12.58 9.26
C ALA A 225 -12.77 13.40 7.96
N ALA A 226 -13.95 13.61 7.39
CA ALA A 226 -14.10 14.35 6.15
C ALA A 226 -13.77 15.85 6.32
N GLU A 227 -14.61 16.56 7.07
CA GLU A 227 -14.41 18.00 7.30
C GLU A 227 -12.96 18.32 7.65
N ALA A 228 -12.22 17.30 8.07
CA ALA A 228 -10.82 17.42 8.43
C ALA A 228 -9.95 17.78 7.25
N ARG A 229 -9.93 16.91 6.25
CA ARG A 229 -9.12 17.13 5.06
C ARG A 229 -9.46 18.42 4.34
N GLU A 230 -10.61 19.02 4.65
CA GLU A 230 -11.00 20.26 4.01
C GLU A 230 -10.32 21.46 4.68
N ILE A 231 -10.21 21.41 6.01
CA ILE A 231 -9.59 22.50 6.77
C ILE A 231 -8.09 22.49 6.57
N ALA A 232 -7.50 21.31 6.59
CA ALA A 232 -6.06 21.23 6.41
C ALA A 232 -5.71 21.61 4.99
N SER A 233 -6.71 21.77 4.14
CA SER A 233 -6.53 22.10 2.74
C SER A 233 -6.93 23.51 2.32
N ARG A 234 -7.10 24.40 3.29
CA ARG A 234 -7.50 25.77 3.00
C ARG A 234 -6.31 26.68 2.73
N PRO A 235 -6.56 27.83 2.08
CA PRO A 235 -5.46 28.75 1.80
C PRO A 235 -4.70 29.06 3.09
N LEU A 236 -3.38 28.90 3.05
CA LEU A 236 -2.56 29.12 4.22
C LEU A 236 -1.96 30.50 4.36
N PRO A 237 -2.42 31.26 5.37
CA PRO A 237 -1.91 32.60 5.61
C PRO A 237 -0.39 32.66 5.53
N GLU A 238 0.16 33.86 5.45
CA GLU A 238 1.59 33.96 5.37
C GLU A 238 2.20 34.13 6.75
N ILE A 239 3.31 33.44 6.98
CA ILE A 239 4.02 33.47 8.25
C ILE A 239 5.04 34.59 8.34
N SER A 240 5.27 35.26 7.21
CA SER A 240 6.23 36.36 7.19
C SER A 240 6.23 37.05 5.83
N THR B 47 24.07 -18.98 17.69
CA THR B 47 24.67 -18.25 18.84
C THR B 47 24.03 -16.89 19.06
N ARG B 48 23.79 -16.17 17.97
CA ARG B 48 23.16 -14.85 18.01
C ARG B 48 21.75 -15.00 18.54
N ALA B 49 21.62 -15.82 19.58
CA ALA B 49 20.36 -16.12 20.24
C ALA B 49 20.61 -16.00 21.73
N ARG B 50 21.69 -16.63 22.16
CA ARG B 50 22.14 -16.65 23.55
C ARG B 50 22.62 -15.25 23.93
N LEU B 51 23.30 -14.60 22.99
CA LEU B 51 23.83 -13.26 23.18
C LEU B 51 22.75 -12.28 23.59
N ILE B 52 21.74 -12.15 22.73
CA ILE B 52 20.63 -11.23 23.01
C ILE B 52 19.97 -11.55 24.34
N THR B 53 20.02 -12.82 24.76
CA THR B 53 19.43 -13.22 26.04
C THR B 53 20.35 -12.74 27.13
N SER B 54 21.63 -13.03 26.95
CA SER B 54 22.67 -12.63 27.90
C SER B 54 22.52 -11.17 28.29
N ALA B 55 22.42 -10.32 27.26
CA ALA B 55 22.30 -8.90 27.44
C ALA B 55 21.02 -8.48 28.15
N ARG B 56 19.90 -9.11 27.81
CA ARG B 56 18.63 -8.75 28.44
C ARG B 56 18.71 -8.81 29.96
N THR B 57 19.25 -9.89 30.50
CA THR B 57 19.36 -9.99 31.95
C THR B 57 20.28 -8.90 32.48
N LEU B 58 21.47 -8.79 31.90
CA LEU B 58 22.43 -7.77 32.31
C LEU B 58 21.74 -6.43 32.31
N MET B 59 21.51 -5.92 31.12
CA MET B 59 20.87 -4.63 30.95
C MET B 59 19.61 -4.46 31.76
N ALA B 60 18.74 -5.45 31.77
CA ALA B 60 17.51 -5.33 32.54
C ALA B 60 17.88 -5.18 34.01
N GLU B 61 19.12 -5.50 34.35
CA GLU B 61 19.53 -5.42 35.74
C GLU B 61 20.85 -4.67 36.05
N ARG B 62 21.36 -3.88 35.09
CA ARG B 62 22.56 -3.08 35.30
C ARG B 62 22.27 -1.66 34.81
N GLY B 63 21.67 -1.59 33.63
CA GLY B 63 21.34 -0.32 33.00
C GLY B 63 21.77 -0.47 31.56
N VAL B 64 20.84 -0.45 30.62
CA VAL B 64 21.21 -0.61 29.22
C VAL B 64 22.50 0.14 28.96
N ASP B 65 22.55 1.39 29.41
CA ASP B 65 23.69 2.30 29.25
C ASP B 65 25.09 1.83 29.65
N ASN B 66 25.16 0.84 30.54
CA ASN B 66 26.47 0.33 30.99
C ASN B 66 26.52 -1.19 30.85
N VAL B 67 26.36 -1.68 29.64
CA VAL B 67 26.38 -3.11 29.35
C VAL B 67 27.34 -3.39 28.21
N GLY B 68 28.63 -3.23 28.47
CA GLY B 68 29.65 -3.43 27.45
C GLY B 68 29.56 -4.71 26.63
N ILE B 69 30.10 -4.67 25.42
CA ILE B 69 30.11 -5.84 24.56
C ILE B 69 30.82 -6.97 25.30
N ALA B 70 31.62 -6.58 26.28
CA ALA B 70 32.39 -7.54 27.07
C ALA B 70 31.50 -8.38 27.99
N GLU B 71 31.00 -7.74 29.03
CA GLU B 71 30.15 -8.42 30.00
C GLU B 71 29.00 -9.18 29.34
N ILE B 72 28.58 -8.74 28.16
CA ILE B 72 27.48 -9.41 27.47
C ILE B 72 27.84 -10.77 26.94
N THR B 73 29.01 -10.88 26.31
CA THR B 73 29.43 -12.16 25.77
C THR B 73 29.88 -13.10 26.88
N GLU B 74 30.36 -12.55 27.99
CA GLU B 74 30.78 -13.38 29.11
C GLU B 74 29.52 -14.21 29.44
N GLY B 75 28.35 -13.59 29.28
CA GLY B 75 27.11 -14.29 29.53
C GLY B 75 27.08 -15.53 28.68
N ALA B 76 26.75 -15.38 27.40
CA ALA B 76 26.73 -16.52 26.48
C ALA B 76 28.18 -16.92 26.22
N ASN B 77 28.95 -16.93 27.31
CA ASN B 77 30.37 -17.25 27.33
C ASN B 77 31.18 -17.01 26.06
N ILE B 78 31.80 -15.83 26.02
CA ILE B 78 32.67 -15.36 24.95
C ILE B 78 33.35 -14.12 25.58
N GLY B 79 34.39 -13.59 24.94
CA GLY B 79 35.10 -12.45 25.50
C GLY B 79 34.59 -11.04 25.25
N THR B 80 35.20 -10.36 24.29
CA THR B 80 34.83 -9.01 23.91
C THR B 80 35.26 -8.82 22.46
N GLY B 81 36.47 -9.27 22.17
CA GLY B 81 36.99 -9.18 20.80
C GLY B 81 36.38 -10.28 19.97
N THR B 82 35.85 -11.29 20.64
CA THR B 82 35.22 -12.43 19.97
C THR B 82 33.94 -11.97 19.24
N PHE B 83 33.08 -11.28 19.99
CA PHE B 83 31.80 -10.76 19.51
C PHE B 83 31.84 -9.64 18.44
N TYR B 84 32.63 -8.58 18.68
CA TYR B 84 32.75 -7.46 17.73
C TYR B 84 32.73 -8.01 16.30
N ASN B 85 33.14 -9.27 16.18
CA ASN B 85 33.19 -9.97 14.90
C ASN B 85 31.81 -10.55 14.52
N TYR B 86 31.22 -11.30 15.44
CA TYR B 86 29.92 -11.93 15.23
C TYR B 86 28.90 -10.85 14.86
N PHE B 87 28.78 -9.86 15.76
CA PHE B 87 27.88 -8.72 15.59
C PHE B 87 28.75 -7.52 15.22
N PRO B 88 28.22 -6.59 14.41
CA PRO B 88 28.95 -5.40 13.97
C PRO B 88 29.26 -4.36 15.05
N ASP B 89 28.26 -4.09 15.88
CA ASP B 89 28.42 -3.11 16.93
C ASP B 89 27.46 -3.49 18.05
N ARG B 90 27.77 -3.02 19.25
CA ARG B 90 26.93 -3.26 20.41
C ARG B 90 25.51 -2.76 20.12
N GLU B 91 25.43 -1.62 19.43
CA GLU B 91 24.13 -1.02 19.11
C GLU B 91 23.20 -1.98 18.39
N GLN B 92 23.75 -2.78 17.48
CA GLN B 92 22.94 -3.75 16.76
C GLN B 92 22.36 -4.74 17.74
N LEU B 93 23.22 -5.37 18.53
CA LEU B 93 22.73 -6.33 19.51
C LEU B 93 21.65 -5.70 20.37
N LEU B 94 21.85 -4.47 20.81
CA LEU B 94 20.82 -3.82 21.63
C LEU B 94 19.51 -3.77 20.88
N GLN B 95 19.58 -3.53 19.57
CA GLN B 95 18.37 -3.48 18.77
C GLN B 95 17.84 -4.87 18.50
N ALA B 96 18.76 -5.83 18.36
CA ALA B 96 18.35 -7.19 18.14
C ALA B 96 17.46 -7.59 19.31
N VAL B 97 17.70 -7.00 20.48
CA VAL B 97 16.92 -7.27 21.69
C VAL B 97 15.59 -6.51 21.63
N ALA B 98 15.59 -5.41 20.90
CA ALA B 98 14.42 -4.56 20.75
C ALA B 98 13.41 -5.20 19.82
N GLU B 99 13.80 -5.40 18.57
CA GLU B 99 12.92 -6.03 17.59
C GLU B 99 12.41 -7.33 18.19
N ASP B 100 13.34 -8.13 18.70
CA ASP B 100 13.03 -9.41 19.30
C ASP B 100 12.05 -9.32 20.45
N ALA B 101 12.16 -8.26 21.25
CA ALA B 101 11.27 -8.06 22.39
C ALA B 101 9.89 -7.61 21.93
N PHE B 102 9.80 -7.16 20.67
CA PHE B 102 8.54 -6.72 20.11
C PHE B 102 7.89 -7.93 19.41
N GLU B 103 8.65 -8.62 18.57
CA GLU B 103 8.12 -9.78 17.87
C GLU B 103 7.47 -10.75 18.86
N SER B 104 7.76 -10.58 20.14
CA SER B 104 7.17 -11.43 21.18
C SER B 104 5.71 -11.08 21.31
N VAL B 105 5.47 -9.87 21.83
CA VAL B 105 4.13 -9.34 22.03
C VAL B 105 3.39 -9.24 20.70
N GLY B 106 4.14 -9.08 19.62
CA GLY B 106 3.53 -8.97 18.30
C GLY B 106 2.88 -10.29 17.92
N ILE B 107 3.72 -11.30 17.71
CA ILE B 107 3.25 -12.64 17.37
C ILE B 107 2.12 -13.00 18.31
N ALA B 108 2.31 -12.64 19.58
CA ALA B 108 1.32 -12.91 20.62
C ALA B 108 0.00 -12.18 20.37
N LEU B 109 0.06 -10.90 20.03
CA LEU B 109 -1.14 -10.09 19.77
C LEU B 109 -1.92 -10.57 18.55
N ASP B 110 -1.26 -11.33 17.68
CA ASP B 110 -1.89 -11.86 16.49
C ASP B 110 -2.70 -13.12 16.80
N GLN B 111 -2.27 -13.85 17.81
CA GLN B 111 -2.98 -15.06 18.17
C GLN B 111 -4.25 -14.73 18.93
N VAL B 112 -4.43 -13.46 19.29
CA VAL B 112 -5.61 -13.06 20.02
C VAL B 112 -6.40 -11.98 19.30
N LEU B 113 -6.17 -10.72 19.70
CA LEU B 113 -6.87 -9.56 19.14
C LEU B 113 -7.41 -9.63 17.71
N THR B 114 -6.64 -10.15 16.75
CA THR B 114 -7.11 -10.23 15.36
C THR B 114 -8.37 -11.06 15.24
N LYS B 115 -8.60 -11.95 16.20
CA LYS B 115 -9.78 -12.80 16.20
C LYS B 115 -11.03 -12.00 16.58
N LEU B 116 -10.84 -10.77 17.03
CA LEU B 116 -11.94 -9.89 17.40
C LEU B 116 -12.67 -9.50 16.12
N ASP B 117 -13.91 -9.03 16.22
CA ASP B 117 -14.68 -8.64 15.03
C ASP B 117 -14.44 -7.21 14.58
N ASP B 118 -14.80 -6.26 15.42
CA ASP B 118 -14.61 -4.86 15.10
C ASP B 118 -13.10 -4.63 14.96
N PRO B 119 -12.66 -3.98 13.86
CA PRO B 119 -11.23 -3.72 13.63
C PRO B 119 -10.69 -2.59 14.51
N ALA B 120 -11.51 -1.57 14.76
CA ALA B 120 -11.12 -0.43 15.59
C ALA B 120 -10.78 -0.90 17.00
N GLU B 121 -11.16 -2.14 17.29
CA GLU B 121 -10.90 -2.76 18.56
C GLU B 121 -9.57 -3.45 18.43
N VAL B 122 -9.44 -4.32 17.43
CA VAL B 122 -8.19 -5.03 17.19
C VAL B 122 -7.01 -4.07 17.29
N PHE B 123 -7.20 -2.89 16.71
CA PHE B 123 -6.17 -1.85 16.69
C PHE B 123 -6.05 -1.26 18.09
N ALA B 124 -7.07 -0.51 18.51
CA ALA B 124 -7.10 0.12 19.83
C ALA B 124 -6.61 -0.87 20.86
N GLY B 125 -7.15 -2.08 20.78
CA GLY B 125 -6.79 -3.13 21.70
C GLY B 125 -5.32 -3.45 21.62
N SER B 126 -4.80 -3.65 20.42
CA SER B 126 -3.39 -3.97 20.29
C SER B 126 -2.52 -2.84 20.83
N LEU B 127 -3.00 -1.59 20.71
CA LEU B 127 -2.24 -0.47 21.23
C LEU B 127 -2.26 -0.53 22.75
N ARG B 128 -3.46 -0.44 23.33
CA ARG B 128 -3.63 -0.48 24.77
C ARG B 128 -2.76 -1.56 25.41
N HIS B 129 -2.46 -2.60 24.65
CA HIS B 129 -1.63 -3.70 25.12
C HIS B 129 -0.17 -3.30 25.10
N LEU B 130 0.23 -2.55 24.06
CA LEU B 130 1.61 -2.09 23.93
C LEU B 130 1.94 -1.04 24.98
N VAL B 131 0.93 -0.24 25.34
CA VAL B 131 1.05 0.81 26.35
C VAL B 131 1.22 0.15 27.72
N ARG B 132 0.33 -0.80 28.02
CA ARG B 132 0.36 -1.55 29.28
C ARG B 132 1.73 -2.16 29.45
N HIS B 133 2.14 -2.90 28.44
CA HIS B 133 3.41 -3.56 28.51
C HIS B 133 4.56 -2.66 28.85
N SER B 134 4.53 -1.42 28.37
CA SER B 134 5.62 -0.47 28.66
C SER B 134 5.67 -0.04 30.10
N LEU B 135 4.51 0.31 30.66
CA LEU B 135 4.45 0.76 32.04
C LEU B 135 4.60 -0.43 33.00
N GLU B 136 4.71 -1.63 32.43
CA GLU B 136 4.84 -2.87 33.20
C GLU B 136 6.24 -3.49 33.26
N ASP B 137 7.14 -3.16 32.33
CA ASP B 137 8.48 -3.76 32.34
C ASP B 137 9.68 -2.84 32.40
N ARG B 138 10.60 -3.19 33.29
CA ARG B 138 11.85 -2.45 33.47
C ARG B 138 12.68 -2.59 32.19
N ILE B 139 12.37 -3.63 31.41
CA ILE B 139 13.07 -3.91 30.17
C ILE B 139 12.49 -3.10 28.99
N TRP B 140 11.16 -2.97 28.96
CA TRP B 140 10.48 -2.23 27.90
C TRP B 140 10.57 -0.73 28.11
N GLY B 141 10.10 -0.28 29.27
CA GLY B 141 10.16 1.14 29.57
C GLY B 141 11.59 1.63 29.50
N GLY B 142 12.49 0.76 29.04
CA GLY B 142 13.89 1.10 28.92
C GLY B 142 14.40 1.06 27.49
N PHE B 143 13.49 0.78 26.56
CA PHE B 143 13.81 0.75 25.13
C PHE B 143 13.47 2.15 24.61
N PHE B 144 12.35 2.67 25.10
CA PHE B 144 11.82 4.00 24.73
C PHE B 144 12.70 5.16 25.20
N ILE B 145 12.58 5.44 26.48
CA ILE B 145 13.29 6.51 27.17
C ILE B 145 14.80 6.38 27.04
N GLN B 146 15.28 5.53 26.14
CA GLN B 146 16.73 5.35 26.02
C GLN B 146 17.21 4.99 24.63
N MET B 147 16.30 4.65 23.73
CA MET B 147 16.70 4.25 22.40
C MET B 147 16.24 5.17 21.28
N GLY B 148 17.15 5.41 20.35
CA GLY B 148 16.86 6.26 19.20
C GLY B 148 16.07 5.45 18.21
N ALA B 149 16.33 4.15 18.19
CA ALA B 149 15.66 3.22 17.29
C ALA B 149 14.21 3.10 17.73
N ALA B 150 13.96 3.52 18.96
CA ALA B 150 12.63 3.47 19.55
C ALA B 150 11.59 3.36 18.44
N HIS B 151 11.51 4.40 17.64
CA HIS B 151 10.55 4.45 16.56
C HIS B 151 10.89 3.51 15.40
N PRO B 152 12.09 3.63 14.82
CA PRO B 152 12.51 2.78 13.70
C PRO B 152 12.41 1.28 13.91
N VAL B 153 12.76 0.79 15.10
CA VAL B 153 12.65 -0.64 15.35
C VAL B 153 11.17 -0.97 15.50
N LEU B 154 10.44 -0.09 16.15
CA LEU B 154 9.01 -0.31 16.33
C LEU B 154 8.38 -0.43 14.96
N MET B 155 8.92 0.30 14.00
CA MET B 155 8.38 0.28 12.65
C MET B 155 8.65 -1.05 11.95
N ARG B 156 9.88 -1.53 12.01
CA ARG B 156 10.22 -2.81 11.36
C ARG B 156 9.38 -3.97 11.89
N ILE B 157 9.30 -4.09 13.22
CA ILE B 157 8.55 -5.18 13.85
C ILE B 157 7.04 -5.02 13.83
N LEU B 158 6.50 -4.32 14.82
CA LEU B 158 5.06 -4.11 14.88
C LEU B 158 4.57 -3.29 13.69
N GLY B 159 5.45 -2.48 13.12
CA GLY B 159 5.05 -1.65 11.99
C GLY B 159 4.01 -2.24 11.04
N PRO B 160 4.39 -3.21 10.21
CA PRO B 160 3.49 -3.84 9.25
C PRO B 160 2.17 -4.30 9.86
N ARG B 161 2.25 -4.95 11.01
CA ARG B 161 1.05 -5.43 11.68
C ARG B 161 0.04 -4.29 11.78
N ALA B 162 0.55 -3.09 12.07
CA ALA B 162 -0.27 -1.91 12.22
C ALA B 162 -0.83 -1.45 10.87
N ARG B 163 -0.12 -1.81 9.81
CA ARG B 163 -0.53 -1.45 8.46
C ARG B 163 -1.67 -2.39 8.09
N ARG B 164 -1.44 -3.68 8.33
CA ARG B 164 -2.40 -4.73 8.06
C ARG B 164 -3.75 -4.41 8.67
N ASP B 165 -3.78 -4.30 9.99
CA ASP B 165 -5.02 -4.00 10.70
C ASP B 165 -5.64 -2.66 10.30
N LEU B 166 -4.82 -1.64 10.07
CA LEU B 166 -5.35 -0.34 9.64
C LEU B 166 -6.02 -0.48 8.27
N LEU B 167 -5.23 -0.94 7.29
CA LEU B 167 -5.70 -1.15 5.92
C LEU B 167 -7.04 -1.86 5.96
N HIS B 168 -7.11 -2.91 6.75
CA HIS B 168 -8.35 -3.66 6.85
C HIS B 168 -9.52 -2.77 7.31
N GLY B 169 -9.43 -2.25 8.52
CA GLY B 169 -10.52 -1.41 9.00
C GLY B 169 -10.81 -0.33 7.98
N LEU B 170 -9.86 -0.14 7.08
CA LEU B 170 -9.98 0.85 6.04
C LEU B 170 -10.87 0.37 4.89
N GLU B 171 -10.99 -0.95 4.76
CA GLU B 171 -11.81 -1.58 3.73
C GLU B 171 -13.21 -1.85 4.30
N THR B 172 -13.25 -2.21 5.58
CA THR B 172 -14.50 -2.48 6.28
C THR B 172 -15.28 -1.17 6.43
N GLY B 173 -14.61 -0.07 6.08
CA GLY B 173 -15.22 1.24 6.17
C GLY B 173 -15.02 1.82 7.56
N ARG B 174 -14.41 1.01 8.42
CA ARG B 174 -14.15 1.38 9.80
C ARG B 174 -13.31 2.64 9.99
N PHE B 175 -12.30 2.82 9.15
CA PHE B 175 -11.42 3.97 9.25
C PHE B 175 -11.42 4.89 8.03
N THR B 176 -10.82 6.07 8.17
CA THR B 176 -10.74 7.03 7.08
C THR B 176 -9.32 7.56 6.95
N ILE B 177 -8.40 6.68 6.55
CA ILE B 177 -7.00 7.01 6.40
C ILE B 177 -6.68 7.55 5.00
N GLU B 178 -5.64 8.37 4.87
CA GLU B 178 -5.26 8.93 3.57
C GLU B 178 -3.84 8.64 3.13
N ASP B 179 -2.97 8.33 4.09
CA ASP B 179 -1.59 8.00 3.80
C ASP B 179 -1.32 6.87 4.78
N LEU B 180 -1.60 5.65 4.35
CA LEU B 180 -1.42 4.50 5.23
C LEU B 180 -0.05 4.55 5.90
N ASP B 181 0.94 5.05 5.19
CA ASP B 181 2.28 5.15 5.74
C ASP B 181 2.23 6.15 6.88
N LEU B 182 1.86 7.39 6.57
CA LEU B 182 1.78 8.44 7.57
C LEU B 182 0.93 8.03 8.76
N ALA B 183 -0.05 7.18 8.53
CA ALA B 183 -0.90 6.76 9.63
C ALA B 183 -0.17 5.75 10.51
N THR B 184 0.52 4.79 9.91
CA THR B 184 1.23 3.80 10.69
C THR B 184 2.48 4.33 11.39
N THR B 185 3.05 5.42 10.89
CA THR B 185 4.25 5.99 11.52
C THR B 185 3.83 6.93 12.64
N CYS B 186 2.82 7.74 12.39
CA CYS B 186 2.34 8.68 13.41
C CYS B 186 1.78 7.94 14.61
N THR B 187 1.30 6.72 14.38
CA THR B 187 0.75 5.91 15.46
C THR B 187 1.84 5.50 16.42
N PHE B 188 2.95 5.02 15.86
CA PHE B 188 4.08 4.61 16.66
C PHE B 188 4.84 5.79 17.22
N GLY B 189 4.96 6.86 16.44
CA GLY B 189 5.63 8.03 16.93
C GLY B 189 4.82 8.59 18.11
N SER B 190 3.53 8.24 18.14
CA SER B 190 2.68 8.70 19.21
C SER B 190 2.78 7.75 20.41
N LEU B 191 2.87 6.45 20.14
CA LEU B 191 2.97 5.49 21.22
C LEU B 191 4.19 5.85 22.07
N ILE B 192 5.32 6.04 21.39
CA ILE B 192 6.55 6.39 22.07
C ILE B 192 6.38 7.73 22.77
N ALA B 193 5.98 8.76 22.03
CA ALA B 193 5.77 10.09 22.62
C ALA B 193 4.83 10.06 23.82
N ALA B 194 3.89 9.11 23.82
CA ALA B 194 2.95 9.00 24.92
C ALA B 194 3.50 8.14 26.04
N ILE B 195 3.99 6.95 25.74
CA ILE B 195 4.54 6.12 26.79
C ILE B 195 5.62 6.87 27.54
N GLN B 196 6.37 7.72 26.84
CA GLN B 196 7.42 8.49 27.50
C GLN B 196 6.82 9.44 28.52
N MET B 197 5.74 10.12 28.16
CA MET B 197 5.09 11.03 29.09
C MET B 197 4.65 10.20 30.29
N ALA B 198 4.02 9.06 30.00
CA ALA B 198 3.54 8.17 31.05
C ALA B 198 4.67 7.42 31.77
N LEU B 199 5.87 7.98 31.70
CA LEU B 199 7.02 7.40 32.38
C LEU B 199 7.87 8.55 32.91
N SER B 200 7.20 9.54 33.49
CA SER B 200 7.84 10.71 34.07
C SER B 200 6.79 11.67 34.61
N LYS B 209 -4.11 5.14 31.32
CA LYS B 209 -3.73 6.04 30.23
C LYS B 209 -3.84 5.30 28.91
N ASP B 210 -3.80 3.97 28.95
CA ASP B 210 -3.86 3.21 27.71
C ASP B 210 -5.19 3.40 26.98
N GLN B 211 -6.29 3.50 27.71
CA GLN B 211 -7.58 3.70 27.05
C GLN B 211 -7.64 5.08 26.39
N ILE B 212 -7.08 6.08 27.08
CA ILE B 212 -7.05 7.47 26.62
C ILE B 212 -6.25 7.68 25.36
N PHE B 213 -5.11 6.99 25.26
CA PHE B 213 -4.23 7.07 24.09
C PHE B 213 -4.90 6.39 22.90
N ALA B 214 -5.48 5.22 23.14
CA ALA B 214 -6.16 4.46 22.08
C ALA B 214 -7.36 5.23 21.55
N ALA B 215 -8.09 5.91 22.43
CA ALA B 215 -9.22 6.70 22.00
C ALA B 215 -8.70 7.67 20.95
N ALA B 216 -7.60 8.34 21.27
CA ALA B 216 -6.97 9.30 20.37
C ALA B 216 -6.55 8.63 19.08
N MET B 217 -5.83 7.52 19.19
CA MET B 217 -5.38 6.81 18.01
C MET B 217 -6.51 6.42 17.07
N LEU B 218 -7.70 6.17 17.61
CA LEU B 218 -8.81 5.84 16.74
C LEU B 218 -9.29 7.15 16.13
N ARG B 219 -9.61 8.11 16.99
CA ARG B 219 -10.06 9.41 16.53
C ARG B 219 -9.13 9.91 15.45
N MET B 220 -7.92 9.36 15.39
CA MET B 220 -6.99 9.78 14.35
C MET B 220 -7.20 9.01 13.06
N VAL B 221 -7.48 7.71 13.16
CA VAL B 221 -7.69 6.95 11.94
C VAL B 221 -9.09 7.14 11.39
N GLY B 222 -9.93 7.88 12.09
CA GLY B 222 -11.26 8.13 11.59
C GLY B 222 -12.48 7.73 12.38
N VAL B 223 -12.31 6.88 13.39
CA VAL B 223 -13.43 6.43 14.22
C VAL B 223 -14.13 7.62 14.83
N GLN B 224 -15.44 7.53 15.01
CA GLN B 224 -16.23 8.62 15.58
C GLN B 224 -15.66 9.15 16.90
N ALA B 225 -15.36 10.44 16.92
CA ALA B 225 -14.79 11.11 18.10
C ALA B 225 -15.40 10.62 19.41
N ALA B 226 -16.71 10.43 19.40
CA ALA B 226 -17.46 9.96 20.55
C ALA B 226 -17.30 8.43 20.72
N GLU B 227 -17.77 7.71 19.71
CA GLU B 227 -17.71 6.25 19.69
C GLU B 227 -16.29 5.75 19.91
N ALA B 228 -15.34 6.67 19.79
CA ALA B 228 -13.94 6.37 19.95
C ALA B 228 -13.60 5.74 21.28
N ARG B 229 -13.94 6.44 22.37
CA ARG B 229 -13.64 5.96 23.71
C ARG B 229 -14.36 4.67 24.12
N GLU B 230 -15.60 4.51 23.69
CA GLU B 230 -16.34 3.30 24.01
C GLU B 230 -15.46 2.13 23.57
N ILE B 231 -15.20 2.08 22.26
CA ILE B 231 -14.39 1.04 21.62
C ILE B 231 -13.03 0.83 22.25
N ALA B 232 -12.57 1.83 23.00
CA ALA B 232 -11.26 1.75 23.64
C ALA B 232 -11.37 1.10 25.02
N SER B 233 -12.42 1.50 25.74
CA SER B 233 -12.69 1.04 27.10
C SER B 233 -13.22 -0.38 27.22
N ARG B 234 -13.51 -1.02 26.10
CA ARG B 234 -14.03 -2.38 26.15
C ARG B 234 -13.03 -3.27 26.90
N PRO B 235 -13.47 -4.46 27.36
CA PRO B 235 -12.62 -5.39 28.09
C PRO B 235 -11.42 -5.88 27.28
N LEU B 236 -10.22 -5.51 27.72
CA LEU B 236 -9.02 -5.94 27.01
C LEU B 236 -8.68 -7.38 27.30
N PRO B 237 -8.70 -8.22 26.26
CA PRO B 237 -8.40 -9.64 26.31
C PRO B 237 -6.95 -9.92 26.73
N GLU B 238 -6.67 -11.13 27.19
CA GLU B 238 -5.32 -11.50 27.63
C GLU B 238 -4.41 -11.75 26.43
N ILE B 239 -3.14 -12.06 26.69
CA ILE B 239 -2.17 -12.29 25.62
C ILE B 239 -1.02 -13.28 26.01
N SER B 240 0.12 -13.24 25.31
CA SER B 240 1.25 -14.15 25.60
C SER B 240 1.33 -14.44 27.08
N ARG C 48 -0.41 1.74 -47.60
CA ARG C 48 -1.33 0.95 -46.75
C ARG C 48 -1.12 1.27 -45.25
N ALA C 49 0.03 1.88 -44.96
CA ALA C 49 0.39 2.24 -43.59
C ALA C 49 -0.37 3.48 -43.16
N ARG C 50 -0.36 4.49 -44.03
CA ARG C 50 -1.02 5.74 -43.73
C ARG C 50 -2.47 5.49 -43.35
N LEU C 51 -2.88 4.23 -43.41
CA LEU C 51 -4.23 3.83 -43.03
C LEU C 51 -4.34 3.85 -41.50
N ILE C 52 -3.37 3.20 -40.86
CA ILE C 52 -3.34 3.15 -39.40
C ILE C 52 -3.15 4.56 -38.86
N THR C 53 -1.99 5.13 -39.16
CA THR C 53 -1.65 6.45 -38.68
C THR C 53 -2.62 7.56 -39.07
N SER C 54 -3.76 7.14 -39.62
CA SER C 54 -4.84 8.04 -40.00
C SER C 54 -5.93 7.76 -38.98
N ALA C 55 -6.18 6.47 -38.78
CA ALA C 55 -7.18 6.00 -37.85
C ALA C 55 -6.91 6.58 -36.48
N ARG C 56 -5.73 6.31 -35.93
CA ARG C 56 -5.41 6.83 -34.62
C ARG C 56 -5.61 8.34 -34.58
N THR C 57 -4.97 9.04 -35.51
CA THR C 57 -5.07 10.49 -35.56
C THR C 57 -6.51 10.98 -35.36
N LEU C 58 -7.48 10.18 -35.82
CA LEU C 58 -8.88 10.52 -35.68
C LEU C 58 -9.40 10.20 -34.28
N MET C 59 -8.79 9.23 -33.62
CA MET C 59 -9.21 8.84 -32.28
C MET C 59 -8.97 9.92 -31.23
N ALA C 60 -7.77 10.49 -31.25
CA ALA C 60 -7.40 11.53 -30.30
C ALA C 60 -8.25 12.79 -30.43
N GLU C 61 -9.34 12.72 -31.20
CA GLU C 61 -10.22 13.88 -31.36
C GLU C 61 -11.65 13.40 -31.60
N ARG C 62 -11.88 12.11 -31.43
CA ARG C 62 -13.20 11.53 -31.63
C ARG C 62 -13.43 10.42 -30.60
N GLY C 63 -12.64 9.35 -30.73
CA GLY C 63 -12.77 8.21 -29.83
C GLY C 63 -12.68 6.94 -30.66
N VAL C 64 -11.91 5.96 -30.17
CA VAL C 64 -11.72 4.69 -30.86
C VAL C 64 -13.00 4.08 -31.43
N ASP C 65 -14.15 4.66 -31.11
CA ASP C 65 -15.42 4.13 -31.59
C ASP C 65 -16.08 5.12 -32.55
N ASN C 66 -15.50 6.31 -32.67
CA ASN C 66 -16.03 7.38 -33.50
C ASN C 66 -15.40 7.57 -34.90
N VAL C 67 -14.93 6.49 -35.51
CA VAL C 67 -14.32 6.61 -36.84
C VAL C 67 -15.03 5.76 -37.87
N GLY C 68 -15.41 6.38 -38.99
CA GLY C 68 -16.07 5.67 -40.06
C GLY C 68 -15.05 5.41 -41.15
N ILE C 69 -15.28 4.38 -41.96
CA ILE C 69 -14.34 4.07 -43.05
C ILE C 69 -14.14 5.30 -43.90
N ALA C 70 -15.19 6.11 -43.98
CA ALA C 70 -15.16 7.34 -44.73
C ALA C 70 -13.87 8.13 -44.43
N GLU C 71 -13.79 8.72 -43.24
CA GLU C 71 -12.64 9.52 -42.82
C GLU C 71 -11.27 8.83 -42.92
N ILE C 72 -11.23 7.54 -42.60
CA ILE C 72 -9.98 6.81 -42.65
C ILE C 72 -9.46 6.65 -44.08
N THR C 73 -10.36 6.26 -44.99
CA THR C 73 -9.97 6.07 -46.39
C THR C 73 -9.72 7.44 -47.03
N GLU C 74 -10.07 8.50 -46.31
CA GLU C 74 -9.89 9.86 -46.81
C GLU C 74 -8.54 10.45 -46.50
N GLY C 75 -7.96 10.08 -45.36
CA GLY C 75 -6.64 10.59 -44.99
C GLY C 75 -5.57 9.74 -45.67
N ALA C 76 -5.95 8.50 -45.94
CA ALA C 76 -5.07 7.56 -46.59
C ALA C 76 -5.07 7.81 -48.10
N ASN C 77 -6.13 8.44 -48.58
CA ASN C 77 -6.27 8.73 -50.00
C ASN C 77 -6.42 7.41 -50.73
N ILE C 78 -7.61 6.83 -50.59
CA ILE C 78 -7.97 5.57 -51.22
C ILE C 78 -9.49 5.55 -51.32
N GLY C 79 -10.01 4.84 -52.32
CA GLY C 79 -11.46 4.79 -52.49
C GLY C 79 -12.09 4.33 -51.18
N THR C 80 -13.20 4.96 -50.78
CA THR C 80 -13.85 4.59 -49.54
C THR C 80 -14.02 3.08 -49.46
N GLY C 81 -14.62 2.50 -50.50
CA GLY C 81 -14.82 1.07 -50.51
C GLY C 81 -13.49 0.34 -50.54
N THR C 82 -12.49 0.92 -51.19
CA THR C 82 -11.17 0.31 -51.31
C THR C 82 -10.40 0.25 -49.99
N PHE C 83 -11.14 0.25 -48.88
CA PHE C 83 -10.56 0.16 -47.55
C PHE C 83 -10.34 -1.30 -47.23
N TYR C 84 -11.40 -2.07 -47.44
CA TYR C 84 -11.40 -3.50 -47.22
C TYR C 84 -10.39 -4.17 -48.15
N ASN C 85 -9.85 -3.39 -49.08
CA ASN C 85 -8.85 -3.88 -50.05
C ASN C 85 -7.54 -4.12 -49.33
N TYR C 86 -7.50 -3.77 -48.06
CA TYR C 86 -6.30 -3.93 -47.25
C TYR C 86 -6.64 -4.60 -45.91
N PHE C 87 -7.60 -4.04 -45.18
CA PHE C 87 -8.05 -4.63 -43.91
C PHE C 87 -9.49 -5.08 -44.10
N PRO C 88 -9.91 -6.13 -43.39
CA PRO C 88 -11.29 -6.59 -43.54
C PRO C 88 -12.22 -6.00 -42.48
N ASP C 89 -11.68 -5.72 -41.30
CA ASP C 89 -12.49 -5.20 -40.21
C ASP C 89 -12.21 -3.77 -39.78
N ARG C 90 -13.14 -3.23 -39.00
CA ARG C 90 -13.00 -1.89 -38.43
C ARG C 90 -12.28 -2.26 -37.14
N GLU C 91 -12.27 -3.57 -36.89
CA GLU C 91 -11.64 -4.16 -35.72
C GLU C 91 -10.21 -4.64 -36.05
N GLN C 92 -10.07 -5.34 -37.17
CA GLN C 92 -8.74 -5.82 -37.59
C GLN C 92 -7.81 -4.62 -37.70
N LEU C 93 -8.36 -3.48 -38.07
CA LEU C 93 -7.58 -2.25 -38.22
C LEU C 93 -7.13 -1.71 -36.86
N LEU C 94 -8.06 -1.60 -35.92
CA LEU C 94 -7.70 -1.09 -34.60
C LEU C 94 -6.48 -1.88 -34.11
N GLN C 95 -6.61 -3.21 -34.15
CA GLN C 95 -5.54 -4.08 -33.71
C GLN C 95 -4.22 -3.64 -34.29
N ALA C 96 -4.27 -3.14 -35.51
CA ALA C 96 -3.06 -2.67 -36.17
C ALA C 96 -2.53 -1.45 -35.44
N VAL C 97 -3.43 -0.57 -35.04
CA VAL C 97 -3.08 0.65 -34.31
C VAL C 97 -2.62 0.28 -32.91
N ALA C 98 -3.23 -0.78 -32.40
CA ALA C 98 -2.92 -1.31 -31.08
C ALA C 98 -1.48 -1.77 -31.07
N GLU C 99 -1.15 -2.72 -31.95
CA GLU C 99 0.20 -3.27 -32.04
C GLU C 99 1.21 -2.13 -32.25
N ASP C 100 0.85 -1.17 -33.09
CA ASP C 100 1.71 -0.03 -33.38
C ASP C 100 2.18 0.62 -32.08
N ALA C 101 1.23 1.19 -31.36
CA ALA C 101 1.52 1.84 -30.09
C ALA C 101 2.32 0.92 -29.18
N PHE C 102 1.68 -0.18 -28.77
CA PHE C 102 2.30 -1.15 -27.89
C PHE C 102 3.74 -1.40 -28.28
N GLU C 103 3.97 -1.82 -29.53
CA GLU C 103 5.32 -2.10 -29.97
C GLU C 103 6.22 -0.91 -29.73
N SER C 104 5.73 0.29 -30.07
CA SER C 104 6.52 1.50 -29.88
C SER C 104 6.90 1.69 -28.41
N VAL C 105 5.90 1.70 -27.54
CA VAL C 105 6.14 1.85 -26.10
C VAL C 105 7.07 0.72 -25.66
N GLY C 106 7.03 -0.38 -26.41
CA GLY C 106 7.88 -1.52 -26.11
C GLY C 106 9.30 -1.19 -26.51
N ILE C 107 9.50 -0.85 -27.79
CA ILE C 107 10.83 -0.51 -28.29
C ILE C 107 11.48 0.55 -27.42
N ALA C 108 10.65 1.35 -26.76
CA ALA C 108 11.10 2.41 -25.87
C ALA C 108 11.55 1.87 -24.50
N LEU C 109 10.66 1.14 -23.84
CA LEU C 109 10.97 0.56 -22.54
C LEU C 109 12.23 -0.27 -22.74
N ASP C 110 12.40 -0.75 -23.96
CA ASP C 110 13.55 -1.56 -24.34
C ASP C 110 14.87 -0.82 -24.29
N GLN C 111 14.88 0.39 -23.74
CA GLN C 111 16.11 1.16 -23.65
C GLN C 111 16.24 1.83 -22.32
N VAL C 112 15.30 2.74 -22.05
CA VAL C 112 15.30 3.47 -20.80
C VAL C 112 15.38 2.56 -19.56
N LEU C 113 14.56 1.51 -19.54
CA LEU C 113 14.49 0.59 -18.41
C LEU C 113 15.48 -0.54 -18.26
N THR C 114 15.70 -1.33 -19.32
CA THR C 114 16.64 -2.44 -19.21
C THR C 114 17.99 -2.05 -18.58
N LYS C 115 18.28 -0.74 -18.57
CA LYS C 115 19.51 -0.26 -17.96
C LYS C 115 19.46 -0.51 -16.47
N LEU C 116 18.33 -0.15 -15.86
CA LEU C 116 18.12 -0.33 -14.43
C LEU C 116 18.86 -1.54 -13.87
N ASP C 117 19.40 -1.37 -12.67
CA ASP C 117 20.13 -2.43 -12.04
C ASP C 117 19.24 -3.50 -11.43
N ASP C 118 18.15 -3.08 -10.77
CA ASP C 118 17.24 -4.02 -10.14
C ASP C 118 16.24 -4.63 -11.12
N PRO C 119 16.22 -5.97 -11.22
CA PRO C 119 15.35 -6.76 -12.10
C PRO C 119 13.87 -6.54 -11.83
N ALA C 120 13.53 -6.39 -10.55
CA ALA C 120 12.15 -6.18 -10.14
C ALA C 120 11.78 -4.72 -10.23
N GLU C 121 12.75 -3.85 -10.48
CA GLU C 121 12.44 -2.44 -10.63
C GLU C 121 12.27 -2.24 -12.12
N VAL C 122 12.82 -3.17 -12.88
CA VAL C 122 12.72 -3.13 -14.33
C VAL C 122 11.31 -3.58 -14.69
N PHE C 123 10.89 -4.66 -14.05
CA PHE C 123 9.58 -5.24 -14.28
C PHE C 123 8.47 -4.34 -13.75
N ALA C 124 8.68 -3.81 -12.55
CA ALA C 124 7.68 -2.93 -11.95
C ALA C 124 7.60 -1.67 -12.80
N GLY C 125 8.75 -1.00 -12.94
CA GLY C 125 8.81 0.20 -13.72
C GLY C 125 8.03 0.05 -15.01
N SER C 126 8.56 -0.78 -15.92
CA SER C 126 7.91 -1.02 -17.20
C SER C 126 6.38 -0.99 -17.05
N LEU C 127 5.86 -1.91 -16.26
CA LEU C 127 4.42 -2.00 -16.02
C LEU C 127 3.84 -0.63 -15.71
N ARG C 128 4.38 0.00 -14.67
CA ARG C 128 3.91 1.31 -14.24
C ARG C 128 3.67 2.26 -15.41
N HIS C 129 4.50 2.15 -16.46
CA HIS C 129 4.35 2.99 -17.62
C HIS C 129 3.13 2.60 -18.43
N LEU C 130 2.99 1.31 -18.67
CA LEU C 130 1.86 0.80 -19.42
C LEU C 130 0.57 1.22 -18.72
N VAL C 131 0.63 1.29 -17.39
CA VAL C 131 -0.52 1.70 -16.59
C VAL C 131 -0.80 3.19 -16.79
N ARG C 132 0.25 3.94 -17.09
CA ARG C 132 0.17 5.38 -17.29
C ARG C 132 -0.53 5.76 -18.61
N HIS C 133 0.03 5.29 -19.72
CA HIS C 133 -0.54 5.58 -21.03
C HIS C 133 -1.99 5.15 -21.04
N SER C 134 -2.24 3.88 -20.74
CA SER C 134 -3.59 3.37 -20.72
C SER C 134 -4.53 4.33 -19.97
N LEU C 135 -3.94 5.28 -19.23
CA LEU C 135 -4.72 6.24 -18.46
C LEU C 135 -4.36 7.69 -18.79
N GLU C 136 -3.70 7.91 -19.93
CA GLU C 136 -3.29 9.25 -20.36
C GLU C 136 -3.47 9.53 -21.88
N ASP C 137 -3.41 8.49 -22.71
CA ASP C 137 -3.56 8.60 -24.17
C ASP C 137 -5.00 8.34 -24.60
N ARG C 138 -5.77 9.41 -24.84
CA ARG C 138 -7.17 9.28 -25.23
C ARG C 138 -7.41 7.98 -26.00
N ILE C 139 -6.52 7.70 -26.94
CA ILE C 139 -6.60 6.51 -27.76
C ILE C 139 -6.36 5.22 -26.96
N TRP C 140 -5.21 5.13 -26.28
CA TRP C 140 -4.86 3.94 -25.50
C TRP C 140 -5.95 3.34 -24.63
N GLY C 141 -6.84 4.17 -24.10
CA GLY C 141 -7.90 3.63 -23.28
C GLY C 141 -8.76 2.73 -24.12
N GLY C 142 -9.06 3.19 -25.33
CA GLY C 142 -9.89 2.45 -26.26
C GLY C 142 -9.47 1.01 -26.60
N PHE C 143 -8.18 0.69 -26.45
CA PHE C 143 -7.75 -0.66 -26.73
C PHE C 143 -8.38 -1.55 -25.66
N PHE C 144 -8.17 -1.18 -24.40
CA PHE C 144 -8.70 -1.92 -23.26
C PHE C 144 -10.21 -1.76 -23.13
N ILE C 145 -10.64 -0.55 -22.80
CA ILE C 145 -12.06 -0.28 -22.61
C ILE C 145 -12.89 -0.34 -23.91
N GLN C 146 -12.40 -1.07 -24.91
CA GLN C 146 -13.14 -1.17 -26.17
C GLN C 146 -12.48 -2.13 -27.17
N MET C 147 -12.15 -3.33 -26.70
CA MET C 147 -11.52 -4.34 -27.55
C MET C 147 -11.06 -5.51 -26.68
N GLY C 148 -11.90 -6.55 -26.60
CA GLY C 148 -11.54 -7.71 -25.81
C GLY C 148 -10.21 -8.24 -26.34
N ALA C 149 -9.98 -8.00 -27.62
CA ALA C 149 -8.76 -8.40 -28.29
C ALA C 149 -7.56 -7.67 -27.71
N ALA C 150 -7.76 -7.08 -26.54
CA ALA C 150 -6.70 -6.33 -25.87
C ALA C 150 -5.61 -7.28 -25.42
N HIS C 151 -6.03 -8.39 -24.82
CA HIS C 151 -5.07 -9.36 -24.34
C HIS C 151 -4.22 -9.96 -25.46
N PRO C 152 -4.88 -10.60 -26.45
CA PRO C 152 -4.13 -11.19 -27.55
C PRO C 152 -3.02 -10.28 -28.06
N VAL C 153 -3.40 -9.07 -28.50
CA VAL C 153 -2.43 -8.12 -29.03
C VAL C 153 -1.36 -7.78 -28.02
N LEU C 154 -1.75 -7.52 -26.78
CA LEU C 154 -0.78 -7.20 -25.74
C LEU C 154 0.32 -8.25 -25.66
N MET C 155 -0.04 -9.50 -25.96
CA MET C 155 0.89 -10.62 -25.95
C MET C 155 1.82 -10.61 -27.17
N ARG C 156 1.23 -10.74 -28.36
CA ARG C 156 2.01 -10.75 -29.59
C ARG C 156 3.13 -9.77 -29.36
N ILE C 157 2.74 -8.51 -29.18
CA ILE C 157 3.66 -7.41 -28.99
C ILE C 157 4.55 -7.41 -27.75
N LEU C 158 3.97 -7.36 -26.57
CA LEU C 158 4.79 -7.28 -25.37
C LEU C 158 4.98 -8.58 -24.56
N GLY C 159 4.42 -9.67 -25.08
CA GLY C 159 4.56 -10.94 -24.39
C GLY C 159 6.02 -11.16 -24.08
N PRO C 160 6.84 -11.32 -25.12
CA PRO C 160 8.29 -11.53 -25.03
C PRO C 160 9.01 -10.69 -23.98
N ARG C 161 9.07 -9.38 -24.19
CA ARG C 161 9.75 -8.51 -23.23
C ARG C 161 9.50 -9.05 -21.82
N ALA C 162 8.23 -9.31 -21.50
CA ALA C 162 7.85 -9.86 -20.21
C ALA C 162 8.64 -11.14 -19.97
N ARG C 163 8.52 -12.08 -20.91
CA ARG C 163 9.23 -13.34 -20.84
C ARG C 163 10.65 -13.00 -20.42
N ARG C 164 11.29 -12.20 -21.27
CA ARG C 164 12.65 -11.73 -21.08
C ARG C 164 12.91 -11.23 -19.67
N ASP C 165 12.29 -10.10 -19.33
CA ASP C 165 12.45 -9.49 -18.03
C ASP C 165 12.09 -10.42 -16.89
N LEU C 166 10.98 -11.14 -17.01
CA LEU C 166 10.57 -12.06 -15.95
C LEU C 166 11.60 -13.17 -15.74
N LEU C 167 12.04 -13.75 -16.85
CA LEU C 167 13.04 -14.80 -16.81
C LEU C 167 14.23 -14.33 -16.01
N HIS C 168 14.75 -13.16 -16.38
CA HIS C 168 15.90 -12.56 -15.70
C HIS C 168 15.74 -12.49 -14.18
N GLY C 169 14.51 -12.29 -13.72
CA GLY C 169 14.28 -12.22 -12.28
C GLY C 169 14.39 -13.60 -11.67
N LEU C 170 14.16 -14.61 -12.50
CA LEU C 170 14.27 -15.99 -12.08
C LEU C 170 15.75 -16.32 -11.90
N GLU C 171 16.57 -15.89 -12.86
CA GLU C 171 18.02 -16.11 -12.83
C GLU C 171 18.59 -15.42 -11.59
N THR C 172 18.39 -14.10 -11.53
CA THR C 172 18.86 -13.30 -10.42
C THR C 172 18.32 -13.85 -9.11
N GLY C 173 17.33 -14.75 -9.22
CA GLY C 173 16.73 -15.30 -8.02
C GLY C 173 16.02 -14.19 -7.27
N ARG C 174 15.62 -13.16 -8.02
CA ARG C 174 14.93 -12.03 -7.42
C ARG C 174 13.46 -12.35 -7.42
N PHE C 175 13.07 -13.25 -8.31
CA PHE C 175 11.70 -13.71 -8.45
C PHE C 175 11.65 -15.19 -8.10
N THR C 176 10.48 -15.79 -8.18
CA THR C 176 10.35 -17.22 -7.84
C THR C 176 9.49 -18.01 -8.85
N ILE C 177 8.92 -17.29 -9.81
CA ILE C 177 8.08 -17.84 -10.89
C ILE C 177 8.28 -19.32 -11.21
N GLU C 178 7.17 -20.05 -11.36
CA GLU C 178 7.21 -21.48 -11.68
C GLU C 178 7.10 -21.72 -13.18
N ASP C 179 6.12 -21.09 -13.82
CA ASP C 179 5.98 -21.20 -15.26
C ASP C 179 6.04 -19.76 -15.75
N LEU C 180 7.07 -19.42 -16.52
CA LEU C 180 7.21 -18.05 -16.99
C LEU C 180 6.02 -17.58 -17.80
N ASP C 181 5.46 -18.47 -18.60
CA ASP C 181 4.32 -18.12 -19.42
C ASP C 181 3.11 -17.80 -18.55
N LEU C 182 2.78 -18.70 -17.63
CA LEU C 182 1.64 -18.50 -16.74
C LEU C 182 1.80 -17.23 -15.90
N ALA C 183 2.94 -16.55 -16.08
CA ALA C 183 3.23 -15.32 -15.35
C ALA C 183 3.26 -14.18 -16.35
N THR C 184 3.56 -14.53 -17.58
CA THR C 184 3.61 -13.55 -18.67
C THR C 184 2.18 -13.31 -19.12
N THR C 185 1.40 -14.37 -19.22
CA THR C 185 0.02 -14.24 -19.63
C THR C 185 -0.80 -13.70 -18.47
N CYS C 186 -0.46 -14.12 -17.26
CA CYS C 186 -1.17 -13.66 -16.07
C CYS C 186 -0.96 -12.16 -15.94
N THR C 187 0.29 -11.72 -16.02
CA THR C 187 0.64 -10.32 -15.90
C THR C 187 -0.23 -9.39 -16.73
N PHE C 188 -0.22 -9.58 -18.04
CA PHE C 188 -1.01 -8.73 -18.93
C PHE C 188 -2.50 -8.86 -18.68
N GLY C 189 -2.95 -10.08 -18.41
CA GLY C 189 -4.35 -10.28 -18.12
C GLY C 189 -4.69 -9.35 -16.97
N SER C 190 -3.93 -9.45 -15.88
CA SER C 190 -4.16 -8.60 -14.73
C SER C 190 -4.10 -7.14 -15.14
N LEU C 191 -3.04 -6.77 -15.85
CA LEU C 191 -2.88 -5.40 -16.30
C LEU C 191 -4.18 -4.86 -16.86
N ILE C 192 -4.74 -5.58 -17.82
CA ILE C 192 -5.98 -5.14 -18.45
C ILE C 192 -7.08 -4.84 -17.45
N ALA C 193 -7.27 -5.75 -16.50
CA ALA C 193 -8.30 -5.57 -15.50
C ALA C 193 -8.05 -4.36 -14.60
N ALA C 194 -6.78 -4.09 -14.29
CA ALA C 194 -6.39 -3.00 -13.42
C ALA C 194 -6.57 -1.64 -14.09
N ILE C 195 -6.50 -1.62 -15.42
CA ILE C 195 -6.68 -0.41 -16.20
C ILE C 195 -8.16 -0.20 -16.42
N GLN C 196 -8.86 -1.28 -16.78
CA GLN C 196 -10.30 -1.20 -16.98
C GLN C 196 -10.90 -0.60 -15.71
N MET C 197 -10.51 -1.17 -14.58
CA MET C 197 -10.98 -0.71 -13.28
C MET C 197 -10.59 0.75 -13.09
N ALA C 198 -9.29 1.01 -13.16
CA ALA C 198 -8.75 2.36 -12.98
C ALA C 198 -9.52 3.45 -13.72
N LEU C 199 -10.20 3.08 -14.80
CA LEU C 199 -11.00 4.04 -15.55
C LEU C 199 -12.43 3.96 -15.03
N SER C 200 -12.62 4.43 -13.78
CA SER C 200 -13.92 4.45 -13.09
C SER C 200 -13.80 5.11 -11.71
N LYS C 209 -1.74 4.85 -8.33
CA LYS C 209 -2.59 3.76 -8.81
C LYS C 209 -1.90 3.08 -9.98
N ASP C 210 -0.59 3.29 -10.07
CA ASP C 210 0.20 2.71 -11.13
C ASP C 210 1.29 1.90 -10.44
N GLN C 211 1.52 2.21 -9.16
CA GLN C 211 2.50 1.49 -8.38
C GLN C 211 1.72 0.44 -7.65
N ILE C 212 0.51 0.82 -7.24
CA ILE C 212 -0.37 -0.09 -6.57
C ILE C 212 -0.42 -1.35 -7.43
N PHE C 213 -0.55 -1.16 -8.74
CA PHE C 213 -0.61 -2.28 -9.66
C PHE C 213 0.67 -3.05 -9.76
N ALA C 214 1.77 -2.33 -10.00
CA ALA C 214 3.07 -2.95 -10.12
C ALA C 214 3.46 -3.65 -8.81
N ALA C 215 3.00 -3.10 -7.68
CA ALA C 215 3.29 -3.71 -6.39
C ALA C 215 2.80 -5.14 -6.48
N ALA C 216 1.50 -5.27 -6.70
CA ALA C 216 0.86 -6.59 -6.85
C ALA C 216 1.76 -7.48 -7.68
N MET C 217 1.82 -7.23 -8.98
CA MET C 217 2.63 -8.07 -9.86
C MET C 217 3.98 -8.49 -9.29
N LEU C 218 4.69 -7.58 -8.61
CA LEU C 218 5.97 -7.97 -8.02
C LEU C 218 5.78 -9.13 -7.02
N ARG C 219 4.85 -8.95 -6.07
CA ARG C 219 4.55 -9.98 -5.07
C ARG C 219 4.39 -11.30 -5.80
N MET C 220 3.55 -11.27 -6.83
CA MET C 220 3.22 -12.43 -7.65
C MET C 220 4.36 -13.18 -8.31
N VAL C 221 5.45 -12.48 -8.62
CA VAL C 221 6.58 -13.16 -9.24
C VAL C 221 7.60 -13.57 -8.20
N GLY C 222 7.32 -13.26 -6.94
CA GLY C 222 8.22 -13.65 -5.87
C GLY C 222 8.48 -12.56 -4.85
N VAL C 223 8.95 -11.41 -5.33
CA VAL C 223 9.29 -10.25 -4.51
C VAL C 223 8.63 -10.14 -3.15
N GLN C 224 9.44 -10.00 -2.11
CA GLN C 224 8.93 -9.84 -0.75
C GLN C 224 7.81 -8.82 -0.87
N ALA C 225 6.71 -9.04 -0.15
CA ALA C 225 5.55 -8.14 -0.21
C ALA C 225 5.84 -6.71 0.24
N ALA C 226 6.81 -6.56 1.13
CA ALA C 226 7.19 -5.25 1.67
C ALA C 226 8.05 -4.43 0.72
N GLU C 227 9.26 -4.90 0.45
CA GLU C 227 10.17 -4.20 -0.44
C GLU C 227 9.56 -4.07 -1.82
N ALA C 228 8.48 -4.82 -2.05
CA ALA C 228 7.78 -4.76 -3.33
C ALA C 228 7.09 -3.42 -3.37
N ARG C 229 6.44 -3.07 -2.26
CA ARG C 229 5.75 -1.80 -2.11
C ARG C 229 6.73 -0.70 -2.54
N GLU C 230 7.97 -0.86 -2.11
CA GLU C 230 9.02 0.11 -2.40
C GLU C 230 9.45 0.11 -3.86
N ILE C 231 10.08 -0.98 -4.30
CA ILE C 231 10.56 -1.09 -5.68
C ILE C 231 9.58 -0.49 -6.70
N ALA C 232 8.31 -0.40 -6.33
CA ALA C 232 7.28 0.14 -7.22
C ALA C 232 7.14 1.63 -6.98
N SER C 233 7.29 2.04 -5.73
CA SER C 233 7.19 3.44 -5.34
C SER C 233 8.53 4.18 -5.51
N ARG C 234 9.44 3.61 -6.30
CA ARG C 234 10.72 4.27 -6.55
C ARG C 234 10.40 5.30 -7.62
N PRO C 235 11.37 6.15 -7.97
CA PRO C 235 11.13 7.17 -9.01
C PRO C 235 11.26 6.56 -10.42
N LEU C 236 10.24 6.75 -11.24
CA LEU C 236 10.16 6.17 -12.59
C LEU C 236 10.93 6.89 -13.69
N PRO C 237 11.87 6.18 -14.34
CA PRO C 237 12.69 6.74 -15.43
C PRO C 237 11.86 7.18 -16.63
N GLU C 238 12.12 8.40 -17.11
CA GLU C 238 11.39 8.95 -18.25
C GLU C 238 11.52 8.09 -19.51
N ILE C 239 10.62 8.27 -20.47
CA ILE C 239 10.66 7.46 -21.67
C ILE C 239 10.42 8.22 -22.99
N SER C 240 10.31 9.53 -22.89
CA SER C 240 10.10 10.40 -24.05
C SER C 240 10.00 11.86 -23.62
N THR D 47 -39.41 -19.45 -17.16
CA THR D 47 -39.14 -19.91 -18.57
C THR D 47 -37.69 -19.74 -18.93
N ARG D 48 -37.08 -18.67 -18.42
CA ARG D 48 -35.68 -18.40 -18.69
C ARG D 48 -35.08 -19.78 -18.47
N ALA D 49 -35.64 -20.45 -17.46
CA ALA D 49 -35.24 -21.78 -17.06
C ALA D 49 -34.87 -22.68 -18.24
N ARG D 50 -35.82 -22.98 -19.12
CA ARG D 50 -35.57 -23.86 -20.27
C ARG D 50 -34.53 -23.35 -21.25
N LEU D 51 -34.54 -22.03 -21.46
CA LEU D 51 -33.63 -21.40 -22.40
C LEU D 51 -32.15 -21.55 -22.10
N ILE D 52 -31.76 -21.23 -20.87
CA ILE D 52 -30.36 -21.35 -20.49
C ILE D 52 -30.02 -22.82 -20.52
N THR D 53 -31.02 -23.63 -20.16
CA THR D 53 -30.89 -25.07 -20.13
C THR D 53 -30.69 -25.57 -21.55
N SER D 54 -31.54 -25.10 -22.46
CA SER D 54 -31.44 -25.51 -23.87
C SER D 54 -30.16 -24.97 -24.48
N ALA D 55 -29.64 -23.93 -23.82
CA ALA D 55 -28.42 -23.25 -24.20
C ALA D 55 -27.23 -24.07 -23.77
N ARG D 56 -27.05 -24.17 -22.46
CA ARG D 56 -25.96 -24.93 -21.89
C ARG D 56 -25.74 -26.27 -22.60
N THR D 57 -26.86 -26.88 -23.02
CA THR D 57 -26.84 -28.19 -23.66
C THR D 57 -26.25 -28.23 -25.06
N LEU D 58 -26.41 -27.13 -25.78
CA LEU D 58 -25.86 -27.04 -27.13
C LEU D 58 -24.36 -26.88 -26.99
N MET D 59 -23.95 -25.76 -26.39
CA MET D 59 -22.55 -25.45 -26.17
C MET D 59 -21.83 -26.71 -25.73
N ALA D 60 -22.46 -27.39 -24.78
CA ALA D 60 -21.92 -28.62 -24.24
C ALA D 60 -21.38 -29.51 -25.36
N GLU D 61 -22.15 -29.72 -26.43
CA GLU D 61 -21.71 -30.56 -27.55
C GLU D 61 -21.79 -29.88 -28.91
N ARG D 62 -21.12 -28.74 -29.08
CA ARG D 62 -21.18 -28.03 -30.37
C ARG D 62 -20.36 -26.74 -30.40
N GLY D 63 -19.91 -26.28 -29.23
CA GLY D 63 -19.14 -25.05 -29.17
C GLY D 63 -20.04 -23.92 -28.71
N VAL D 64 -19.48 -22.96 -27.97
CA VAL D 64 -20.24 -21.82 -27.44
C VAL D 64 -20.72 -20.82 -28.50
N ASP D 65 -20.22 -20.97 -29.74
CA ASP D 65 -20.57 -20.10 -30.84
C ASP D 65 -21.42 -20.79 -31.90
N ASN D 66 -21.88 -22.00 -31.60
CA ASN D 66 -22.72 -22.75 -32.52
C ASN D 66 -24.14 -22.80 -31.99
N VAL D 67 -24.40 -21.94 -31.02
CA VAL D 67 -25.71 -21.86 -30.39
C VAL D 67 -26.67 -20.92 -31.12
N GLY D 68 -27.11 -21.31 -32.31
CA GLY D 68 -28.03 -20.49 -33.08
C GLY D 68 -29.35 -20.26 -32.35
N ILE D 69 -29.79 -19.00 -32.28
CA ILE D 69 -31.05 -18.64 -31.62
C ILE D 69 -32.19 -19.49 -32.17
N ALA D 70 -32.08 -19.81 -33.45
CA ALA D 70 -33.08 -20.64 -34.11
C ALA D 70 -33.28 -21.86 -33.24
N GLU D 71 -32.17 -22.51 -32.91
CA GLU D 71 -32.15 -23.69 -32.09
C GLU D 71 -32.65 -23.42 -30.68
N ILE D 72 -31.80 -22.91 -29.78
CA ILE D 72 -32.19 -22.62 -28.39
C ILE D 72 -33.68 -22.48 -28.09
N THR D 73 -34.43 -21.91 -29.04
CA THR D 73 -35.87 -21.71 -28.88
C THR D 73 -36.70 -22.97 -29.16
N GLU D 74 -36.09 -23.95 -29.84
CA GLU D 74 -36.76 -25.20 -30.17
C GLU D 74 -36.74 -26.11 -28.95
N GLY D 75 -35.56 -26.21 -28.33
CA GLY D 75 -35.40 -27.03 -27.17
C GLY D 75 -36.26 -26.45 -26.07
N ALA D 76 -36.32 -25.12 -26.02
CA ALA D 76 -37.11 -24.43 -25.02
C ALA D 76 -38.58 -24.66 -25.30
N ASN D 77 -38.86 -25.03 -26.54
CA ASN D 77 -40.21 -25.30 -27.05
C ASN D 77 -40.99 -23.99 -27.12
N ILE D 78 -40.41 -22.99 -27.79
CA ILE D 78 -41.04 -21.69 -27.96
C ILE D 78 -40.77 -21.14 -29.36
N GLY D 79 -41.27 -19.93 -29.63
CA GLY D 79 -41.06 -19.36 -30.96
C GLY D 79 -39.72 -18.68 -31.23
N THR D 80 -39.03 -19.15 -32.26
CA THR D 80 -37.74 -18.58 -32.65
C THR D 80 -37.75 -17.11 -32.24
N GLY D 81 -38.88 -16.47 -32.50
CA GLY D 81 -39.00 -15.07 -32.17
C GLY D 81 -39.08 -14.75 -30.68
N THR D 82 -40.01 -15.37 -29.97
CA THR D 82 -40.19 -15.07 -28.56
C THR D 82 -38.95 -15.10 -27.66
N PHE D 83 -37.84 -15.60 -28.17
CA PHE D 83 -36.57 -15.64 -27.43
C PHE D 83 -36.38 -14.24 -26.88
N TYR D 84 -36.48 -13.28 -27.81
CA TYR D 84 -36.33 -11.85 -27.56
C TYR D 84 -37.30 -11.27 -26.55
N ASN D 85 -37.85 -12.12 -25.69
CA ASN D 85 -38.78 -11.66 -24.68
C ASN D 85 -38.06 -11.82 -23.36
N TYR D 86 -36.98 -12.60 -23.42
CA TYR D 86 -36.17 -12.88 -22.25
C TYR D 86 -34.72 -12.44 -22.41
N PHE D 87 -34.27 -12.33 -23.65
CA PHE D 87 -32.91 -11.90 -23.90
C PHE D 87 -32.79 -11.00 -25.11
N PRO D 88 -32.23 -9.79 -24.93
CA PRO D 88 -32.07 -8.85 -26.04
C PRO D 88 -31.34 -9.54 -27.17
N ASP D 89 -30.28 -10.27 -26.83
CA ASP D 89 -29.56 -10.99 -27.87
C ASP D 89 -28.73 -12.17 -27.44
N ARG D 90 -28.54 -13.06 -28.40
CA ARG D 90 -27.78 -14.31 -28.28
C ARG D 90 -26.63 -14.24 -27.27
N GLU D 91 -25.94 -13.11 -27.22
CA GLU D 91 -24.83 -12.94 -26.28
C GLU D 91 -25.37 -12.87 -24.85
N GLN D 92 -26.15 -11.84 -24.55
CA GLN D 92 -26.72 -11.65 -23.21
C GLN D 92 -27.18 -12.93 -22.53
N LEU D 93 -27.82 -13.82 -23.30
CA LEU D 93 -28.27 -15.09 -22.76
C LEU D 93 -27.05 -15.86 -22.31
N LEU D 94 -26.06 -15.93 -23.20
CA LEU D 94 -24.82 -16.62 -22.93
C LEU D 94 -24.17 -16.13 -21.62
N GLN D 95 -24.33 -14.85 -21.31
CA GLN D 95 -23.77 -14.32 -20.08
C GLN D 95 -24.53 -14.99 -18.95
N ALA D 96 -25.83 -15.22 -19.16
CA ALA D 96 -26.66 -15.86 -18.15
C ALA D 96 -26.19 -17.30 -17.92
N VAL D 97 -25.87 -18.01 -18.99
CA VAL D 97 -25.40 -19.38 -18.85
C VAL D 97 -24.20 -19.32 -17.92
N ALA D 98 -23.47 -18.21 -17.99
CA ALA D 98 -22.28 -17.99 -17.16
C ALA D 98 -22.67 -17.66 -15.74
N GLU D 99 -23.39 -16.54 -15.57
CA GLU D 99 -23.82 -16.10 -14.26
C GLU D 99 -24.46 -17.26 -13.50
N ASP D 100 -24.91 -18.27 -14.26
CA ASP D 100 -25.50 -19.47 -13.66
C ASP D 100 -24.32 -20.32 -13.15
N ALA D 101 -23.72 -21.11 -14.04
CA ALA D 101 -22.60 -21.98 -13.69
C ALA D 101 -21.62 -21.39 -12.67
N PHE D 102 -21.46 -20.07 -12.67
CA PHE D 102 -20.55 -19.43 -11.72
C PHE D 102 -21.21 -19.32 -10.36
N GLU D 103 -22.31 -18.57 -10.29
CA GLU D 103 -23.04 -18.42 -9.04
C GLU D 103 -23.28 -19.80 -8.48
N SER D 104 -23.10 -20.81 -9.33
CA SER D 104 -23.28 -22.21 -8.96
C SER D 104 -22.10 -22.68 -8.16
N VAL D 105 -20.93 -22.75 -8.81
CA VAL D 105 -19.71 -23.18 -8.16
C VAL D 105 -19.48 -22.29 -6.95
N GLY D 106 -20.08 -21.10 -7.00
CA GLY D 106 -19.94 -20.17 -5.90
C GLY D 106 -20.67 -20.69 -4.68
N ILE D 107 -21.95 -20.98 -4.85
CA ILE D 107 -22.73 -21.50 -3.76
C ILE D 107 -22.11 -22.81 -3.31
N ALA D 108 -21.35 -23.44 -4.21
CA ALA D 108 -20.69 -24.72 -3.92
C ALA D 108 -19.48 -24.56 -3.01
N LEU D 109 -18.63 -23.60 -3.36
CA LEU D 109 -17.42 -23.33 -2.60
C LEU D 109 -17.77 -22.62 -1.28
N ASP D 110 -18.79 -21.78 -1.32
CA ASP D 110 -19.23 -21.07 -0.13
C ASP D 110 -19.83 -22.08 0.82
N GLN D 111 -19.65 -23.36 0.54
CA GLN D 111 -20.19 -24.40 1.40
C GLN D 111 -19.22 -25.53 1.69
N VAL D 112 -18.03 -25.45 1.10
CA VAL D 112 -17.01 -26.48 1.31
C VAL D 112 -15.77 -25.88 1.97
N LEU D 113 -15.00 -25.18 1.15
CA LEU D 113 -13.76 -24.55 1.57
C LEU D 113 -13.94 -23.56 2.71
N THR D 114 -14.96 -22.71 2.62
CA THR D 114 -15.23 -21.70 3.64
C THR D 114 -15.07 -22.22 5.07
N LYS D 115 -15.65 -23.39 5.34
CA LYS D 115 -15.54 -23.97 6.67
C LYS D 115 -14.07 -24.28 7.00
N LEU D 116 -13.28 -24.54 5.96
CA LEU D 116 -11.86 -24.88 6.10
C LEU D 116 -11.14 -23.97 7.09
N ASP D 117 -9.95 -24.42 7.51
CA ASP D 117 -9.13 -23.71 8.48
C ASP D 117 -8.28 -22.55 7.96
N ASP D 118 -7.26 -22.88 7.16
CA ASP D 118 -6.31 -21.89 6.59
C ASP D 118 -6.96 -20.98 5.54
N PRO D 119 -6.92 -19.65 5.77
CA PRO D 119 -7.53 -18.72 4.80
C PRO D 119 -6.73 -18.67 3.50
N ALA D 120 -5.47 -19.08 3.58
CA ALA D 120 -4.59 -19.11 2.41
C ALA D 120 -4.84 -20.36 1.61
N GLU D 121 -5.81 -21.15 2.06
CA GLU D 121 -6.16 -22.39 1.38
C GLU D 121 -7.60 -22.24 0.94
N VAL D 122 -8.39 -21.50 1.70
CA VAL D 122 -9.77 -21.26 1.31
C VAL D 122 -9.63 -20.66 -0.09
N PHE D 123 -8.78 -19.65 -0.19
CA PHE D 123 -8.51 -18.94 -1.43
C PHE D 123 -8.00 -19.85 -2.52
N ALA D 124 -6.83 -20.44 -2.30
CA ALA D 124 -6.24 -21.34 -3.28
C ALA D 124 -7.23 -22.44 -3.64
N GLY D 125 -7.80 -23.07 -2.63
CA GLY D 125 -8.74 -24.14 -2.88
C GLY D 125 -9.71 -23.74 -3.97
N SER D 126 -10.43 -22.65 -3.72
CA SER D 126 -11.42 -22.13 -4.66
C SER D 126 -10.90 -21.81 -6.06
N LEU D 127 -9.74 -21.15 -6.16
CA LEU D 127 -9.18 -20.82 -7.46
C LEU D 127 -8.82 -22.08 -8.24
N ARG D 128 -8.37 -23.11 -7.52
CA ARG D 128 -8.01 -24.38 -8.13
C ARG D 128 -9.25 -25.03 -8.71
N HIS D 129 -10.34 -24.99 -7.95
CA HIS D 129 -11.61 -25.56 -8.37
C HIS D 129 -12.06 -24.94 -9.69
N LEU D 130 -12.01 -23.61 -9.75
CA LEU D 130 -12.42 -22.88 -10.96
C LEU D 130 -11.58 -23.27 -12.15
N VAL D 131 -10.27 -23.38 -11.97
CA VAL D 131 -9.40 -23.78 -13.07
C VAL D 131 -9.82 -25.17 -13.52
N ARG D 132 -9.92 -26.11 -12.56
CA ARG D 132 -10.31 -27.49 -12.86
C ARG D 132 -11.62 -27.52 -13.66
N HIS D 133 -12.61 -26.77 -13.18
CA HIS D 133 -13.88 -26.71 -13.86
C HIS D 133 -13.71 -26.31 -15.31
N SER D 134 -12.99 -25.21 -15.53
CA SER D 134 -12.74 -24.68 -16.87
C SER D 134 -11.94 -25.64 -17.76
N LEU D 135 -11.67 -26.83 -17.23
CA LEU D 135 -10.93 -27.81 -17.98
C LEU D 135 -11.86 -29.00 -18.28
N GLU D 136 -12.84 -29.21 -17.40
CA GLU D 136 -13.81 -30.29 -17.59
C GLU D 136 -14.98 -29.85 -18.47
N ASP D 137 -15.94 -29.13 -17.88
CA ASP D 137 -17.11 -28.65 -18.61
C ASP D 137 -16.77 -28.09 -19.97
N ARG D 138 -17.41 -28.62 -21.01
CA ARG D 138 -17.14 -28.11 -22.35
C ARG D 138 -17.71 -26.70 -22.43
N ILE D 139 -18.67 -26.43 -21.54
CA ILE D 139 -19.31 -25.13 -21.46
C ILE D 139 -18.34 -24.08 -20.89
N TRP D 140 -17.72 -24.40 -19.75
CA TRP D 140 -16.76 -23.49 -19.13
C TRP D 140 -15.60 -23.25 -20.08
N GLY D 141 -15.43 -24.15 -21.04
CA GLY D 141 -14.37 -23.98 -22.01
C GLY D 141 -14.64 -22.75 -22.85
N GLY D 142 -15.68 -22.83 -23.67
CA GLY D 142 -16.03 -21.72 -24.53
C GLY D 142 -16.28 -20.45 -23.74
N PHE D 143 -16.61 -20.62 -22.46
CA PHE D 143 -16.88 -19.50 -21.56
C PHE D 143 -15.80 -18.44 -21.51
N PHE D 144 -14.58 -18.90 -21.29
CA PHE D 144 -13.44 -18.03 -21.15
C PHE D 144 -12.92 -17.46 -22.47
N ILE D 145 -12.50 -18.34 -23.36
CA ILE D 145 -11.99 -17.92 -24.65
C ILE D 145 -13.12 -17.86 -25.65
N GLN D 146 -13.90 -16.79 -25.63
CA GLN D 146 -15.03 -16.60 -26.55
C GLN D 146 -16.12 -15.78 -25.88
N MET D 147 -15.70 -14.94 -24.96
CA MET D 147 -16.62 -14.08 -24.23
C MET D 147 -15.83 -13.07 -23.41
N GLY D 148 -15.71 -11.85 -23.95
CA GLY D 148 -15.02 -10.80 -23.26
C GLY D 148 -15.80 -10.49 -22.00
N ALA D 149 -17.09 -10.83 -22.02
CA ALA D 149 -17.97 -10.61 -20.88
C ALA D 149 -17.45 -11.43 -19.70
N ALA D 150 -16.54 -12.34 -20.00
CA ALA D 150 -15.91 -13.22 -19.02
C ALA D 150 -15.57 -12.52 -17.70
N HIS D 151 -14.78 -11.45 -17.77
CA HIS D 151 -14.38 -10.72 -16.58
C HIS D 151 -15.55 -10.02 -15.83
N PRO D 152 -16.35 -9.19 -16.52
CA PRO D 152 -17.45 -8.51 -15.84
C PRO D 152 -18.32 -9.53 -15.11
N VAL D 153 -18.64 -10.61 -15.80
CA VAL D 153 -19.47 -11.67 -15.23
C VAL D 153 -18.81 -12.32 -14.03
N LEU D 154 -17.67 -12.93 -14.29
CA LEU D 154 -16.89 -13.62 -13.28
C LEU D 154 -16.76 -12.70 -12.07
N MET D 155 -16.89 -11.41 -12.33
CA MET D 155 -16.78 -10.40 -11.30
C MET D 155 -18.05 -10.28 -10.47
N ARG D 156 -19.13 -9.81 -11.09
CA ARG D 156 -20.38 -9.62 -10.39
C ARG D 156 -20.89 -10.85 -9.67
N ILE D 157 -20.51 -12.04 -10.15
CA ILE D 157 -20.97 -13.25 -9.51
C ILE D 157 -20.04 -13.79 -8.44
N LEU D 158 -18.75 -13.79 -8.72
CA LEU D 158 -17.80 -14.30 -7.74
C LEU D 158 -16.97 -13.21 -7.07
N GLY D 159 -17.05 -12.01 -7.62
CA GLY D 159 -16.31 -10.91 -7.04
C GLY D 159 -16.54 -10.94 -5.55
N PRO D 160 -17.77 -10.63 -5.11
CA PRO D 160 -18.11 -10.62 -3.69
C PRO D 160 -17.44 -11.74 -2.91
N ARG D 161 -17.42 -12.94 -3.48
CA ARG D 161 -16.81 -14.07 -2.78
C ARG D 161 -15.35 -13.74 -2.48
N ALA D 162 -14.58 -13.50 -3.54
CA ALA D 162 -13.18 -13.21 -3.39
C ALA D 162 -12.92 -11.99 -2.49
N ARG D 163 -13.68 -10.94 -2.69
CA ARG D 163 -13.52 -9.72 -1.90
C ARG D 163 -13.77 -10.06 -0.43
N ARG D 164 -14.25 -11.27 -0.17
CA ARG D 164 -14.54 -11.75 1.19
C ARG D 164 -13.34 -12.51 1.75
N ASP D 165 -12.93 -13.54 1.01
CA ASP D 165 -11.81 -14.38 1.38
C ASP D 165 -10.50 -13.62 1.40
N LEU D 166 -10.35 -12.63 0.51
CA LEU D 166 -9.13 -11.85 0.49
C LEU D 166 -9.20 -10.91 1.68
N LEU D 167 -10.36 -10.28 1.86
CA LEU D 167 -10.59 -9.35 2.95
C LEU D 167 -10.58 -10.08 4.29
N HIS D 168 -10.03 -11.28 4.29
CA HIS D 168 -9.94 -12.10 5.49
C HIS D 168 -8.49 -12.51 5.70
N GLY D 169 -7.87 -13.04 4.66
CA GLY D 169 -6.49 -13.45 4.79
C GLY D 169 -5.75 -12.22 5.26
N LEU D 170 -6.34 -11.07 4.97
CA LEU D 170 -5.77 -9.80 5.38
C LEU D 170 -5.86 -9.70 6.91
N GLU D 171 -7.02 -10.08 7.46
CA GLU D 171 -7.26 -10.05 8.92
C GLU D 171 -6.15 -10.76 9.67
N THR D 172 -6.05 -12.04 9.37
CA THR D 172 -5.07 -12.93 9.97
C THR D 172 -3.66 -12.44 9.72
N GLY D 173 -3.39 -12.05 8.48
CA GLY D 173 -2.06 -11.62 8.14
C GLY D 173 -1.52 -12.68 7.21
N ARG D 174 -2.38 -13.66 6.94
CA ARG D 174 -2.03 -14.74 6.05
C ARG D 174 -1.85 -14.12 4.67
N PHE D 175 -2.48 -12.95 4.50
CA PHE D 175 -2.44 -12.16 3.27
C PHE D 175 -1.88 -10.77 3.54
N THR D 176 -1.21 -10.20 2.54
CA THR D 176 -0.62 -8.85 2.67
C THR D 176 -0.97 -7.97 1.45
N ILE D 177 -2.26 -7.77 1.23
CA ILE D 177 -2.75 -6.98 0.11
C ILE D 177 -2.41 -5.50 0.26
N GLU D 178 -2.61 -4.75 -0.82
CA GLU D 178 -2.35 -3.31 -0.84
C GLU D 178 -3.63 -2.56 -1.11
N ASP D 179 -4.31 -2.98 -2.17
CA ASP D 179 -5.58 -2.43 -2.58
C ASP D 179 -6.42 -3.67 -2.70
N LEU D 180 -7.63 -3.68 -2.14
CA LEU D 180 -8.44 -4.89 -2.24
C LEU D 180 -9.27 -4.99 -3.50
N ASP D 181 -9.78 -3.86 -3.98
CA ASP D 181 -10.59 -3.87 -5.19
C ASP D 181 -9.77 -4.15 -6.45
N LEU D 182 -8.46 -4.18 -6.30
CA LEU D 182 -7.57 -4.46 -7.42
C LEU D 182 -7.04 -5.85 -7.24
N ALA D 183 -6.65 -6.17 -6.01
CA ALA D 183 -6.14 -7.48 -5.69
C ALA D 183 -7.15 -8.49 -6.19
N THR D 184 -8.43 -8.16 -6.06
CA THR D 184 -9.49 -9.06 -6.49
C THR D 184 -9.74 -9.03 -8.02
N THR D 185 -9.95 -7.85 -8.59
CA THR D 185 -10.19 -7.71 -10.04
C THR D 185 -8.94 -8.02 -10.83
N CYS D 186 -7.88 -8.35 -10.10
CA CYS D 186 -6.60 -8.70 -10.68
C CYS D 186 -6.53 -10.21 -10.73
N THR D 187 -7.18 -10.84 -9.76
CA THR D 187 -7.20 -12.29 -9.66
C THR D 187 -7.96 -12.88 -10.83
N PHE D 188 -9.07 -12.26 -11.17
CA PHE D 188 -9.89 -12.75 -12.26
C PHE D 188 -9.29 -12.42 -13.61
N GLY D 189 -8.36 -11.48 -13.60
CA GLY D 189 -7.68 -11.13 -14.84
C GLY D 189 -6.64 -12.19 -15.06
N SER D 190 -6.28 -12.88 -13.98
CA SER D 190 -5.29 -13.94 -14.07
C SER D 190 -5.99 -15.26 -14.27
N LEU D 191 -7.10 -15.45 -13.59
CA LEU D 191 -7.85 -16.69 -13.71
C LEU D 191 -8.11 -16.99 -15.19
N ILE D 192 -8.66 -16.01 -15.88
CA ILE D 192 -8.97 -16.13 -17.28
C ILE D 192 -7.72 -16.31 -18.12
N ALA D 193 -6.81 -15.36 -18.05
CA ALA D 193 -5.58 -15.45 -18.83
C ALA D 193 -4.95 -16.83 -18.67
N ALA D 194 -5.09 -17.42 -17.48
CA ALA D 194 -4.52 -18.73 -17.18
C ALA D 194 -5.33 -19.90 -17.72
N ILE D 195 -6.65 -19.72 -17.80
CA ILE D 195 -7.53 -20.77 -18.31
C ILE D 195 -7.38 -20.91 -19.83
N GLN D 196 -7.29 -19.77 -20.51
CA GLN D 196 -7.12 -19.73 -21.96
C GLN D 196 -5.83 -20.43 -22.35
N MET D 197 -4.71 -19.99 -21.77
CA MET D 197 -3.42 -20.62 -22.05
C MET D 197 -3.49 -22.10 -21.69
N ALA D 198 -4.20 -22.40 -20.61
CA ALA D 198 -4.36 -23.78 -20.14
C ALA D 198 -5.03 -24.64 -21.21
N LEU D 199 -5.88 -24.03 -22.02
CA LEU D 199 -6.58 -24.75 -23.09
C LEU D 199 -5.80 -24.62 -24.42
N SER D 200 -4.56 -25.12 -24.43
CA SER D 200 -3.68 -25.11 -25.61
C SER D 200 -2.81 -26.36 -25.63
N LYS D 209 -1.60 -28.00 -13.41
CA LYS D 209 -1.82 -26.59 -13.76
C LYS D 209 -2.48 -25.78 -12.67
N ASP D 210 -3.55 -26.33 -12.09
CA ASP D 210 -4.29 -25.65 -11.03
C ASP D 210 -3.46 -25.31 -9.80
N GLN D 211 -2.44 -26.10 -9.51
CA GLN D 211 -1.61 -25.84 -8.34
C GLN D 211 -0.59 -24.75 -8.66
N ILE D 212 -0.09 -24.76 -9.89
CA ILE D 212 0.88 -23.77 -10.32
C ILE D 212 0.25 -22.38 -10.32
N PHE D 213 -1.04 -22.33 -10.60
CA PHE D 213 -1.79 -21.08 -10.64
C PHE D 213 -2.06 -20.55 -9.23
N ALA D 214 -2.69 -21.37 -8.40
CA ALA D 214 -3.01 -20.97 -7.02
C ALA D 214 -1.73 -20.61 -6.29
N ALA D 215 -0.62 -21.21 -6.70
CA ALA D 215 0.65 -20.93 -6.08
C ALA D 215 0.95 -19.45 -6.28
N ALA D 216 0.89 -18.99 -7.53
CA ALA D 216 1.14 -17.60 -7.87
C ALA D 216 0.15 -16.66 -7.24
N MET D 217 -1.14 -16.91 -7.45
CA MET D 217 -2.16 -16.07 -6.86
C MET D 217 -1.92 -15.86 -5.35
N LEU D 218 -1.36 -16.85 -4.68
CA LEU D 218 -1.09 -16.70 -3.26
C LEU D 218 0.08 -15.74 -3.08
N ARG D 219 1.18 -16.03 -3.78
CA ARG D 219 2.37 -15.20 -3.72
C ARG D 219 2.06 -13.75 -4.08
N MET D 220 0.95 -13.54 -4.79
CA MET D 220 0.53 -12.21 -5.21
C MET D 220 -0.39 -11.60 -4.17
N VAL D 221 -0.38 -12.20 -2.98
CA VAL D 221 -1.21 -11.72 -1.89
C VAL D 221 -0.44 -11.98 -0.60
N GLY D 222 0.89 -11.98 -0.72
CA GLY D 222 1.73 -12.23 0.43
C GLY D 222 2.07 -13.71 0.37
N VAL D 223 1.71 -14.45 1.42
CA VAL D 223 1.95 -15.88 1.47
C VAL D 223 3.34 -16.21 0.96
N GLN D 224 4.31 -16.34 1.87
CA GLN D 224 5.70 -16.64 1.49
C GLN D 224 5.90 -17.12 0.03
N ALA D 225 6.70 -16.35 -0.72
CA ALA D 225 6.97 -16.66 -2.11
C ALA D 225 7.41 -18.11 -2.31
N ALA D 226 7.68 -18.79 -1.21
CA ALA D 226 8.11 -20.18 -1.25
C ALA D 226 7.02 -21.15 -0.81
N GLU D 227 6.46 -20.94 0.38
CA GLU D 227 5.41 -21.82 0.93
C GLU D 227 4.15 -21.74 0.06
N ALA D 228 4.28 -21.04 -1.07
CA ALA D 228 3.18 -20.90 -1.98
C ALA D 228 2.75 -22.26 -2.46
N ARG D 229 3.55 -22.86 -3.34
CA ARG D 229 3.27 -24.16 -3.89
C ARG D 229 2.66 -25.12 -2.89
N GLU D 230 3.13 -25.07 -1.65
CA GLU D 230 2.62 -25.95 -0.60
C GLU D 230 1.10 -25.87 -0.44
N ILE D 231 0.63 -24.71 0.00
CA ILE D 231 -0.80 -24.47 0.25
C ILE D 231 -1.66 -24.62 -0.99
N ALA D 232 -1.04 -24.52 -2.16
CA ALA D 232 -1.76 -24.62 -3.43
C ALA D 232 -1.90 -26.06 -3.90
N SER D 233 -0.88 -26.87 -3.60
CA SER D 233 -0.88 -28.26 -4.01
C SER D 233 -1.30 -29.25 -2.93
N ARG D 234 -1.96 -28.75 -1.89
CA ARG D 234 -2.42 -29.61 -0.81
C ARG D 234 -3.55 -30.49 -1.35
N PRO D 235 -4.20 -31.27 -0.49
CA PRO D 235 -5.30 -32.12 -0.96
C PRO D 235 -6.63 -31.36 -1.09
N LEU D 236 -7.00 -31.04 -2.33
CA LEU D 236 -8.21 -30.29 -2.63
C LEU D 236 -9.52 -31.00 -2.26
N PRO D 237 -10.30 -30.43 -1.32
CA PRO D 237 -11.58 -31.03 -0.90
C PRO D 237 -12.59 -31.18 -2.04
N GLU D 238 -13.45 -32.18 -1.92
CA GLU D 238 -14.48 -32.44 -2.91
C GLU D 238 -15.41 -31.22 -2.99
N ILE D 239 -16.10 -31.06 -4.12
CA ILE D 239 -17.00 -29.91 -4.29
C ILE D 239 -18.48 -30.24 -4.50
N SER D 240 -18.77 -31.32 -5.22
CA SER D 240 -20.17 -31.71 -5.45
C SER D 240 -20.34 -33.23 -5.58
#